data_7EIW
#
_entry.id   7EIW
#
_cell.length_a   69.902
_cell.length_b   57.654
_cell.length_c   117.647
_cell.angle_alpha   90.000
_cell.angle_beta   106.297
_cell.angle_gamma   90.000
#
_symmetry.space_group_name_H-M   'P 1 21 1'
#
loop_
_entity.id
_entity.type
_entity.pdbx_description
1 polymer 'Histidine decarboxylase'
2 non-polymer "PYRIDOXAL-5'-PHOSPHATE"
3 water water
#
_entity_poly.entity_id   1
_entity_poly.type   'polypeptide(L)'
_entity_poly.pdbx_seq_one_letter_code
;GPLGSMEPEEYRERGREMVDYICQYLSTVRERRVTPDVQPGYLRAQLPESAPEDPDSWDSIFGDIERIIMPGVVHWQSPH
MHAYYPALTSWPSLLGDMLADAINCLGFTWASSPACTELEMNVMDWLAKMLGLPEHFLHHHPSSQGGGVLQSTVSESTLI
ALLAARKNKILEMKTSEPDADESSLNARLVAYASDQAHSSVEKAGLISLVKMKFLPVDDNFSLRGEALQKAIEEDKQRGL
VPVFVCATLGTTGVCAFD(CSX)LSELGPICAREGLWLHIDAAYAGTAFLCPEFRGFLKGIEYADSFTFNPSKWMMVHFD
CTGFWVKDKYKLQQTFSVNPIYLRHANSGVATDFMHWQIPLSRRFRSVKLWFVIRSFGVKNLQAHVRHGTEMAKYFESLV
RNDPSFEIPAKRHLGLVVFRLKGPNSLTENVLKEIAKAGRLFLIPATIQDKLIIRFTVTSQFTTRDDILRDWNLIRDAAT
LILSQ
;
_entity_poly.pdbx_strand_id   A,B
#
loop_
_chem_comp.id
_chem_comp.type
_chem_comp.name
_chem_comp.formula
PLP non-polymer PYRIDOXAL-5'-PHOSPHATE 'C8 H10 N O6 P'
#
# COMPACT_ATOMS: atom_id res chain seq x y z
N MET A 6 -22.90 -14.88 -2.52
CA MET A 6 -22.37 -16.24 -2.81
C MET A 6 -22.58 -17.14 -1.57
N GLU A 7 -23.17 -18.33 -1.75
CA GLU A 7 -23.42 -19.33 -0.68
C GLU A 7 -22.10 -20.00 -0.30
N PRO A 8 -21.88 -20.32 1.00
CA PRO A 8 -20.76 -21.17 1.41
C PRO A 8 -20.61 -22.47 0.60
N GLU A 9 -21.72 -23.03 0.11
CA GLU A 9 -21.76 -24.13 -0.91
C GLU A 9 -21.06 -23.67 -2.19
N GLU A 10 -21.48 -22.51 -2.71
CA GLU A 10 -21.10 -21.98 -4.05
C GLU A 10 -19.74 -21.27 -3.98
N TYR A 11 -19.12 -21.15 -2.81
CA TYR A 11 -17.71 -20.68 -2.63
C TYR A 11 -16.74 -21.87 -2.64
N ARG A 12 -17.13 -23.02 -2.07
CA ARG A 12 -16.30 -24.25 -2.02
C ARG A 12 -15.90 -24.66 -3.44
N GLU A 13 -16.89 -24.88 -4.31
CA GLU A 13 -16.74 -25.30 -5.73
C GLU A 13 -15.93 -24.27 -6.51
N ARG A 14 -16.35 -23.00 -6.45
CA ARG A 14 -15.78 -21.89 -7.24
C ARG A 14 -14.39 -21.56 -6.69
N GLY A 15 -14.19 -21.74 -5.38
CA GLY A 15 -12.87 -21.74 -4.72
C GLY A 15 -11.98 -22.83 -5.27
N ARG A 16 -12.50 -24.07 -5.33
CA ARG A 16 -11.79 -25.25 -5.90
C ARG A 16 -11.43 -24.98 -7.37
N GLU A 17 -12.39 -24.50 -8.17
CA GLU A 17 -12.19 -24.22 -9.62
CA GLU A 17 -12.23 -24.18 -9.61
C GLU A 17 -11.10 -23.16 -9.80
N MET A 18 -10.93 -22.25 -8.82
CA MET A 18 -9.90 -21.20 -8.86
C MET A 18 -8.52 -21.78 -8.51
N VAL A 19 -8.44 -22.73 -7.56
CA VAL A 19 -7.17 -23.42 -7.22
C VAL A 19 -6.70 -24.26 -8.44
N ASP A 20 -7.63 -24.93 -9.13
CA ASP A 20 -7.32 -25.74 -10.34
C ASP A 20 -6.79 -24.81 -11.44
N TYR A 21 -7.50 -23.73 -11.74
CA TYR A 21 -7.11 -22.73 -12.77
C TYR A 21 -5.71 -22.19 -12.47
N ILE A 22 -5.45 -21.78 -11.22
CA ILE A 22 -4.13 -21.22 -10.78
C ILE A 22 -3.03 -22.25 -11.06
N CYS A 23 -3.25 -23.49 -10.62
CA CYS A 23 -2.29 -24.62 -10.77
C CYS A 23 -1.97 -24.83 -12.27
N GLN A 24 -2.99 -24.76 -13.11
CA GLN A 24 -2.90 -24.88 -14.60
C GLN A 24 -2.15 -23.66 -15.17
N TYR A 25 -2.53 -22.44 -14.75
CA TYR A 25 -1.96 -21.18 -15.30
C TYR A 25 -0.46 -21.11 -15.03
N LEU A 26 -0.03 -21.34 -13.77
CA LEU A 26 1.38 -21.14 -13.34
C LEU A 26 2.27 -22.26 -13.90
N SER A 27 1.74 -23.48 -14.06
CA SER A 27 2.45 -24.67 -14.59
C SER A 27 2.76 -24.50 -16.09
N THR A 28 1.84 -23.90 -16.86
CA THR A 28 1.89 -23.85 -18.34
C THR A 28 2.21 -22.43 -18.82
N VAL A 29 2.72 -21.58 -17.92
CA VAL A 29 2.96 -20.13 -18.18
C VAL A 29 3.89 -19.97 -19.38
N ARG A 30 4.87 -20.86 -19.55
CA ARG A 30 5.79 -20.88 -20.72
C ARG A 30 5.00 -20.85 -22.03
N GLU A 31 3.82 -21.49 -22.09
CA GLU A 31 2.99 -21.62 -23.33
C GLU A 31 2.41 -20.27 -23.75
N ARG A 32 2.45 -19.25 -22.87
CA ARG A 32 1.83 -17.91 -23.11
C ARG A 32 2.80 -17.03 -23.91
N ARG A 33 2.27 -16.27 -24.88
CA ARG A 33 2.86 -15.00 -25.39
C ARG A 33 3.03 -14.04 -24.20
N VAL A 34 4.26 -13.81 -23.73
CA VAL A 34 4.55 -13.01 -22.49
C VAL A 34 4.00 -11.59 -22.65
N THR A 35 4.15 -10.99 -23.85
CA THR A 35 3.63 -9.65 -24.22
C THR A 35 2.23 -9.79 -24.81
N PRO A 36 1.21 -9.06 -24.31
CA PRO A 36 -0.10 -9.05 -24.95
C PRO A 36 -0.08 -8.17 -26.20
N ASP A 37 -0.75 -8.62 -27.26
CA ASP A 37 -0.90 -7.84 -28.53
C ASP A 37 -2.19 -7.03 -28.42
N VAL A 38 -2.10 -5.85 -27.78
CA VAL A 38 -3.26 -4.95 -27.53
C VAL A 38 -2.78 -3.51 -27.62
N GLN A 39 -3.68 -2.60 -27.99
CA GLN A 39 -3.44 -1.13 -28.00
C GLN A 39 -4.15 -0.51 -26.80
N PRO A 40 -3.65 0.64 -26.28
CA PRO A 40 -4.34 1.41 -25.26
C PRO A 40 -5.83 1.63 -25.60
N GLY A 41 -6.71 1.31 -24.65
CA GLY A 41 -8.18 1.46 -24.75
C GLY A 41 -8.88 0.18 -25.18
N TYR A 42 -8.12 -0.89 -25.44
CA TYR A 42 -8.65 -2.19 -25.97
C TYR A 42 -9.80 -2.70 -25.09
N LEU A 43 -9.74 -2.48 -23.78
CA LEU A 43 -10.66 -3.15 -22.83
C LEU A 43 -12.06 -2.49 -22.83
N ARG A 44 -12.18 -1.17 -23.01
CA ARG A 44 -13.46 -0.44 -22.75
C ARG A 44 -14.63 -1.08 -23.53
N ALA A 45 -14.47 -1.27 -24.85
CA ALA A 45 -15.53 -1.74 -25.77
C ALA A 45 -15.91 -3.19 -25.44
N GLN A 46 -15.09 -3.91 -24.68
CA GLN A 46 -15.32 -5.32 -24.30
C GLN A 46 -16.12 -5.39 -22.98
N LEU A 47 -16.24 -4.28 -22.25
CA LEU A 47 -16.91 -4.23 -20.92
C LEU A 47 -18.17 -3.37 -21.01
N PRO A 48 -19.28 -3.74 -20.33
CA PRO A 48 -20.44 -2.87 -20.26
C PRO A 48 -20.06 -1.50 -19.66
N GLU A 49 -20.85 -0.48 -19.99
CA GLU A 49 -20.59 0.94 -19.61
C GLU A 49 -21.05 1.17 -18.16
N SER A 50 -21.85 0.26 -17.60
CA SER A 50 -22.37 0.33 -16.22
C SER A 50 -22.15 -1.01 -15.52
N ALA A 51 -22.00 -0.99 -14.19
CA ALA A 51 -22.01 -2.19 -13.33
C ALA A 51 -23.34 -2.91 -13.52
N PRO A 52 -23.38 -4.25 -13.43
CA PRO A 52 -24.64 -4.98 -13.62
C PRO A 52 -25.59 -4.74 -12.44
N GLU A 53 -26.88 -4.57 -12.73
CA GLU A 53 -27.93 -4.32 -11.71
C GLU A 53 -28.18 -5.62 -10.94
N ASP A 54 -28.17 -6.74 -11.65
CA ASP A 54 -28.44 -8.09 -11.10
C ASP A 54 -27.12 -8.86 -11.06
N PRO A 55 -26.98 -9.89 -10.21
CA PRO A 55 -25.78 -10.72 -10.22
C PRO A 55 -25.46 -11.26 -11.62
N ASP A 56 -24.23 -11.06 -12.10
CA ASP A 56 -23.66 -11.86 -13.22
C ASP A 56 -23.44 -13.27 -12.67
N SER A 57 -23.73 -14.30 -13.47
CA SER A 57 -23.48 -15.73 -13.13
C SER A 57 -21.98 -15.92 -12.89
N TRP A 58 -21.58 -16.81 -11.98
CA TRP A 58 -20.15 -17.05 -11.69
C TRP A 58 -19.47 -17.65 -12.94
N ASP A 59 -20.17 -18.47 -13.71
CA ASP A 59 -19.64 -19.08 -14.97
C ASP A 59 -19.17 -17.96 -15.89
N SER A 60 -19.99 -16.92 -16.05
CA SER A 60 -19.73 -15.72 -16.90
C SER A 60 -18.51 -14.96 -16.38
N ILE A 61 -18.40 -14.76 -15.06
CA ILE A 61 -17.26 -14.06 -14.40
C ILE A 61 -15.99 -14.89 -14.60
N PHE A 62 -16.04 -16.20 -14.30
CA PHE A 62 -14.90 -17.14 -14.47
C PHE A 62 -14.49 -17.20 -15.95
N GLY A 63 -15.47 -17.37 -16.85
CA GLY A 63 -15.27 -17.38 -18.32
C GLY A 63 -14.57 -16.12 -18.82
N ASP A 64 -14.75 -14.98 -18.14
CA ASP A 64 -14.17 -13.69 -18.55
C ASP A 64 -12.67 -13.64 -18.20
N ILE A 65 -12.18 -14.52 -17.32
CA ILE A 65 -10.73 -14.56 -16.92
C ILE A 65 -9.89 -14.69 -18.20
N GLU A 66 -10.08 -15.76 -18.97
CA GLU A 66 -9.38 -16.00 -20.27
C GLU A 66 -9.97 -15.10 -21.36
N ARG A 67 -11.28 -14.84 -21.34
CA ARG A 67 -11.98 -14.19 -22.48
C ARG A 67 -11.62 -12.70 -22.57
N ILE A 68 -11.47 -11.98 -21.44
CA ILE A 68 -11.18 -10.51 -21.49
C ILE A 68 -9.99 -10.10 -20.61
N ILE A 69 -9.65 -10.82 -19.53
CA ILE A 69 -8.55 -10.38 -18.63
C ILE A 69 -7.19 -10.77 -19.23
N MET A 70 -6.98 -12.07 -19.51
CA MET A 70 -5.66 -12.65 -19.87
C MET A 70 -5.07 -11.98 -21.12
N PRO A 71 -5.86 -11.71 -22.19
CA PRO A 71 -5.31 -11.11 -23.41
C PRO A 71 -4.60 -9.76 -23.21
N GLY A 72 -4.83 -9.09 -22.08
CA GLY A 72 -4.22 -7.78 -21.76
C GLY A 72 -3.13 -7.89 -20.70
N VAL A 73 -2.89 -9.09 -20.17
CA VAL A 73 -1.90 -9.35 -19.08
C VAL A 73 -0.50 -9.43 -19.68
N VAL A 74 0.48 -8.80 -19.03
CA VAL A 74 1.92 -9.19 -19.13
C VAL A 74 2.15 -10.31 -18.12
N HIS A 75 2.67 -11.46 -18.56
CA HIS A 75 2.80 -12.69 -17.75
C HIS A 75 4.14 -12.68 -16.99
N TRP A 76 4.19 -11.91 -15.90
CA TRP A 76 5.38 -11.66 -15.04
C TRP A 76 5.94 -12.97 -14.47
N GLN A 77 5.16 -14.04 -14.43
CA GLN A 77 5.62 -15.36 -13.92
C GLN A 77 6.18 -16.23 -15.07
N SER A 78 6.17 -15.77 -16.33
CA SER A 78 6.80 -16.53 -17.45
C SER A 78 8.32 -16.44 -17.32
N PRO A 79 9.07 -17.56 -17.50
CA PRO A 79 10.52 -17.50 -17.61
C PRO A 79 11.03 -16.63 -18.77
N HIS A 80 10.15 -16.27 -19.71
CA HIS A 80 10.48 -15.42 -20.89
C HIS A 80 10.18 -13.95 -20.58
N MET A 81 9.70 -13.64 -19.38
CA MET A 81 9.71 -12.26 -18.83
C MET A 81 11.15 -11.93 -18.44
N HIS A 82 11.73 -10.86 -19.00
CA HIS A 82 13.15 -10.45 -18.74
C HIS A 82 13.29 -8.94 -18.52
N ALA A 83 12.19 -8.20 -18.36
CA ALA A 83 12.22 -6.72 -18.16
C ALA A 83 12.28 -6.40 -16.66
N TYR A 84 12.74 -5.19 -16.33
CA TYR A 84 12.66 -4.60 -14.98
C TYR A 84 13.43 -5.52 -14.03
N TYR A 85 12.92 -5.75 -12.83
CA TYR A 85 13.43 -6.79 -11.92
C TYR A 85 12.32 -7.81 -11.71
N PRO A 86 12.64 -9.03 -11.22
CA PRO A 86 11.62 -10.05 -11.05
C PRO A 86 10.56 -9.59 -10.05
N ALA A 87 9.32 -10.02 -10.22
CA ALA A 87 8.29 -10.10 -9.15
C ALA A 87 7.73 -11.52 -9.13
N LEU A 88 8.27 -12.37 -8.25
CA LEU A 88 7.99 -13.83 -8.24
C LEU A 88 6.90 -14.13 -7.21
N THR A 89 5.85 -14.84 -7.64
CA THR A 89 4.88 -15.52 -6.75
C THR A 89 5.40 -16.94 -6.51
N SER A 90 4.68 -17.69 -5.66
CA SER A 90 4.97 -19.11 -5.32
C SER A 90 3.75 -19.71 -4.63
N TRP A 91 3.67 -21.03 -4.61
CA TRP A 91 2.50 -21.79 -4.09
C TRP A 91 2.24 -21.40 -2.63
N PRO A 92 3.29 -21.37 -1.77
CA PRO A 92 3.10 -20.97 -0.36
C PRO A 92 2.50 -19.56 -0.20
N SER A 93 3.13 -18.54 -0.83
CA SER A 93 2.72 -17.11 -0.76
C SER A 93 1.21 -17.01 -0.99
N LEU A 94 0.71 -17.67 -2.03
CA LEU A 94 -0.73 -17.66 -2.45
C LEU A 94 -1.60 -18.19 -1.30
N LEU A 95 -1.13 -19.24 -0.61
CA LEU A 95 -1.88 -19.94 0.48
C LEU A 95 -2.01 -19.02 1.70
N GLY A 96 -0.95 -18.28 2.05
CA GLY A 96 -0.93 -17.32 3.18
C GLY A 96 -1.95 -16.19 3.02
N ASP A 97 -2.05 -15.61 1.82
CA ASP A 97 -2.90 -14.42 1.55
C ASP A 97 -4.38 -14.81 1.52
N MET A 98 -4.69 -16.02 1.05
CA MET A 98 -6.07 -16.58 1.10
C MET A 98 -6.58 -16.53 2.54
N LEU A 99 -5.71 -16.90 3.48
CA LEU A 99 -5.97 -16.92 4.94
C LEU A 99 -6.15 -15.47 5.45
N ALA A 100 -5.13 -14.64 5.26
CA ALA A 100 -5.08 -13.23 5.71
C ALA A 100 -6.34 -12.49 5.21
N ASP A 101 -6.75 -12.73 3.96
CA ASP A 101 -7.85 -11.97 3.29
C ASP A 101 -9.22 -12.42 3.80
N ALA A 102 -9.34 -13.65 4.33
CA ALA A 102 -10.58 -14.19 4.94
C ALA A 102 -10.77 -13.57 6.33
N ILE A 103 -9.70 -13.57 7.14
CA ILE A 103 -9.64 -12.86 8.45
C ILE A 103 -10.01 -11.39 8.21
N ASN A 104 -9.30 -10.76 7.27
CA ASN A 104 -9.43 -9.33 6.86
C ASN A 104 -9.46 -8.47 8.12
N CYS A 105 -8.40 -8.57 8.93
CA CYS A 105 -8.16 -7.71 10.11
C CYS A 105 -7.23 -6.56 9.71
N LEU A 106 -7.28 -5.47 10.47
CA LEU A 106 -6.43 -4.26 10.30
C LEU A 106 -5.58 -4.11 11.57
N GLY A 107 -4.27 -3.90 11.41
CA GLY A 107 -3.28 -3.91 12.51
C GLY A 107 -2.64 -2.55 12.77
N PHE A 108 -3.42 -1.47 12.70
CA PHE A 108 -2.94 -0.08 12.97
C PHE A 108 -2.32 -0.01 14.38
N THR A 109 -3.01 -0.59 15.36
CA THR A 109 -2.48 -0.82 16.73
C THR A 109 -2.40 -2.33 16.99
N TRP A 110 -1.50 -2.73 17.90
CA TRP A 110 -1.45 -4.09 18.47
C TRP A 110 -2.89 -4.55 18.81
N ALA A 111 -3.66 -3.71 19.49
CA ALA A 111 -5.02 -4.00 20.01
C ALA A 111 -5.99 -4.33 18.87
N SER A 112 -5.88 -3.66 17.73
CA SER A 112 -6.83 -3.78 16.58
C SER A 112 -6.76 -5.20 15.98
N SER A 113 -5.64 -5.92 16.18
CA SER A 113 -5.48 -7.38 15.93
C SER A 113 -4.05 -7.83 16.30
N PRO A 114 -3.79 -8.22 17.57
CA PRO A 114 -2.43 -8.50 18.04
C PRO A 114 -1.54 -9.37 17.15
N ALA A 115 -2.09 -10.45 16.61
CA ALA A 115 -1.37 -11.45 15.77
C ALA A 115 -0.73 -10.75 14.57
N CYS A 116 -1.48 -9.87 13.88
CA CYS A 116 -1.05 -9.05 12.72
C CYS A 116 0.28 -8.35 13.04
N THR A 117 0.40 -7.74 14.21
CA THR A 117 1.64 -7.05 14.69
C THR A 117 2.69 -8.08 15.12
N GLU A 118 2.29 -9.11 15.86
CA GLU A 118 3.26 -9.97 16.61
C GLU A 118 3.98 -10.94 15.67
N LEU A 119 3.28 -11.55 14.71
CA LEU A 119 3.92 -12.42 13.69
C LEU A 119 4.95 -11.57 12.91
N GLU A 120 4.59 -10.36 12.51
CA GLU A 120 5.46 -9.48 11.69
C GLU A 120 6.78 -9.17 12.41
N MET A 121 6.74 -8.84 13.71
CA MET A 121 7.95 -8.48 14.48
C MET A 121 8.93 -9.66 14.48
N ASN A 122 8.40 -10.86 14.74
CA ASN A 122 9.19 -12.12 14.83
C ASN A 122 9.71 -12.50 13.44
N VAL A 123 8.87 -12.44 12.41
CA VAL A 123 9.29 -12.89 11.05
C VAL A 123 10.32 -11.90 10.50
N MET A 124 10.19 -10.60 10.81
CA MET A 124 11.14 -9.54 10.36
C MET A 124 12.51 -9.75 11.04
N ASP A 125 12.53 -10.23 12.29
CA ASP A 125 13.79 -10.61 12.99
C ASP A 125 14.46 -11.81 12.29
N TRP A 126 13.69 -12.87 12.01
CA TRP A 126 14.07 -14.01 11.14
C TRP A 126 14.82 -13.49 9.90
N LEU A 127 14.24 -12.51 9.20
CA LEU A 127 14.68 -12.07 7.85
C LEU A 127 15.94 -11.19 7.94
N ALA A 128 16.07 -10.38 9.00
CA ALA A 128 17.29 -9.58 9.29
C ALA A 128 18.46 -10.55 9.48
N LYS A 129 18.25 -11.63 10.24
CA LYS A 129 19.25 -12.70 10.48
C LYS A 129 19.64 -13.31 9.13
N MET A 130 18.63 -13.70 8.36
CA MET A 130 18.77 -14.40 7.05
C MET A 130 19.63 -13.57 6.10
N LEU A 131 19.59 -12.23 6.18
CA LEU A 131 20.33 -11.31 5.26
C LEU A 131 21.68 -10.88 5.86
N GLY A 132 21.95 -11.22 7.12
CA GLY A 132 23.18 -10.81 7.82
C GLY A 132 23.22 -9.33 8.13
N LEU A 133 22.07 -8.73 8.46
CA LEU A 133 21.96 -7.32 8.92
C LEU A 133 22.47 -7.24 10.36
N PRO A 134 23.11 -6.11 10.75
CA PRO A 134 23.46 -5.87 12.16
C PRO A 134 22.31 -6.21 13.13
N GLU A 135 22.67 -6.60 14.37
CA GLU A 135 21.71 -7.07 15.39
C GLU A 135 20.88 -5.87 15.88
N HIS A 136 21.36 -4.64 15.66
CA HIS A 136 20.67 -3.38 16.04
C HIS A 136 19.44 -3.13 15.15
N PHE A 137 19.15 -3.97 14.15
CA PHE A 137 17.93 -3.87 13.32
C PHE A 137 16.87 -4.88 13.79
N LEU A 138 17.14 -5.65 14.84
CA LEU A 138 16.18 -6.66 15.36
C LEU A 138 15.31 -6.01 16.44
N HIS A 139 14.04 -6.41 16.52
CA HIS A 139 13.09 -6.01 17.60
C HIS A 139 13.58 -6.59 18.92
N HIS A 140 13.80 -7.91 18.95
CA HIS A 140 14.02 -8.73 20.17
C HIS A 140 15.52 -8.95 20.39
N HIS A 141 16.34 -7.89 20.35
CA HIS A 141 17.78 -7.91 20.73
C HIS A 141 18.00 -6.94 21.90
N PRO A 142 18.74 -7.34 22.97
CA PRO A 142 18.92 -6.52 24.17
C PRO A 142 19.31 -5.04 23.91
N SER A 143 20.44 -4.80 23.24
CA SER A 143 21.01 -3.44 22.99
C SER A 143 20.17 -2.67 21.96
N SER A 144 19.71 -3.34 20.89
CA SER A 144 18.95 -2.78 19.74
C SER A 144 17.84 -1.83 20.20
N GLN A 145 17.64 -0.73 19.47
CA GLN A 145 16.51 0.23 19.67
C GLN A 145 15.81 0.47 18.32
N GLY A 146 15.98 -0.47 17.38
CA GLY A 146 15.39 -0.44 16.02
C GLY A 146 14.61 -1.71 15.74
N GLY A 147 14.34 -1.98 14.46
CA GLY A 147 13.47 -3.13 14.09
C GLY A 147 13.07 -3.08 12.64
N GLY A 148 12.44 -4.15 12.16
CA GLY A 148 11.90 -4.29 10.81
C GLY A 148 10.40 -4.14 10.80
N VAL A 149 9.87 -3.51 9.77
CA VAL A 149 8.41 -3.38 9.53
C VAL A 149 8.17 -3.63 8.04
N LEU A 150 7.08 -4.30 7.68
CA LEU A 150 6.74 -4.54 6.25
C LEU A 150 6.17 -3.22 5.70
N GLN A 151 6.51 -2.90 4.45
CA GLN A 151 5.95 -1.75 3.68
C GLN A 151 5.48 -2.32 2.34
N SER A 152 4.79 -1.53 1.52
CA SER A 152 4.17 -1.99 0.26
C SER A 152 5.22 -1.98 -0.87
N THR A 153 6.17 -1.04 -0.79
CA THR A 153 7.19 -0.82 -1.85
C THR A 153 8.49 -0.33 -1.21
N VAL A 154 9.59 -0.47 -1.95
CA VAL A 154 10.88 0.20 -1.58
C VAL A 154 10.71 1.71 -1.76
N SER A 155 9.95 2.14 -2.79
CA SER A 155 9.64 3.57 -3.07
C SER A 155 9.22 4.30 -1.79
N GLU A 156 8.22 3.78 -1.07
CA GLU A 156 7.66 4.43 0.14
CA GLU A 156 7.67 4.45 0.13
C GLU A 156 8.65 4.29 1.30
N SER A 157 9.32 3.14 1.38
CA SER A 157 10.40 2.90 2.38
C SER A 157 11.44 4.01 2.28
N THR A 158 11.88 4.32 1.06
CA THR A 158 12.92 5.36 0.79
C THR A 158 12.37 6.73 1.20
N LEU A 159 11.10 7.00 0.88
CA LEU A 159 10.41 8.26 1.27
C LEU A 159 10.36 8.37 2.80
N ILE A 160 9.98 7.31 3.50
CA ILE A 160 9.86 7.28 4.99
C ILE A 160 11.24 7.59 5.60
N ALA A 161 12.31 6.96 5.12
CA ALA A 161 13.70 7.20 5.61
C ALA A 161 14.03 8.70 5.52
N LEU A 162 13.81 9.29 4.35
CA LEU A 162 14.05 10.74 4.09
C LEU A 162 13.18 11.58 5.02
N LEU A 163 11.90 11.21 5.15
CA LEU A 163 10.93 11.92 6.03
C LEU A 163 11.44 11.89 7.47
N ALA A 164 11.88 10.72 7.95
CA ALA A 164 12.43 10.55 9.32
C ALA A 164 13.71 11.36 9.45
N ALA A 165 14.55 11.34 8.40
CA ALA A 165 15.87 12.02 8.36
C ALA A 165 15.65 13.53 8.50
N ARG A 166 14.76 14.11 7.68
CA ARG A 166 14.60 15.58 7.57
C ARG A 166 13.86 16.09 8.83
N LYS A 167 12.95 15.30 9.38
CA LYS A 167 12.23 15.62 10.64
C LYS A 167 13.24 15.71 11.78
N ASN A 168 14.04 14.66 11.98
CA ASN A 168 15.06 14.61 13.08
C ASN A 168 16.00 15.82 12.97
N LYS A 169 16.48 16.15 11.78
CA LYS A 169 17.42 17.29 11.59
C LYS A 169 16.72 18.62 11.91
N ILE A 170 15.50 18.82 11.41
CA ILE A 170 14.70 20.06 11.66
C ILE A 170 14.50 20.25 13.18
N LEU A 171 14.11 19.22 13.92
CA LEU A 171 13.93 19.28 15.40
C LEU A 171 15.23 19.74 16.05
N GLU A 172 16.36 19.22 15.57
CA GLU A 172 17.73 19.58 16.02
C GLU A 172 18.00 21.06 15.67
N MET A 173 17.71 21.50 14.45
CA MET A 173 17.93 22.90 13.98
C MET A 173 17.08 23.91 14.77
N LYS A 174 15.93 23.49 15.30
CA LYS A 174 14.96 24.35 16.04
C LYS A 174 15.55 24.84 17.37
N THR A 175 16.33 23.98 18.05
CA THR A 175 16.93 24.24 19.38
C THR A 175 17.81 25.49 19.33
N SER A 176 18.40 25.79 18.16
CA SER A 176 19.14 27.05 17.88
C SER A 176 18.15 28.16 17.50
N GLU A 177 17.20 27.85 16.62
CA GLU A 177 16.24 28.82 16.02
C GLU A 177 14.82 28.36 16.35
N PRO A 178 14.36 28.59 17.60
CA PRO A 178 13.09 28.01 18.06
C PRO A 178 11.88 28.72 17.43
N ASP A 179 12.11 29.87 16.80
CA ASP A 179 11.07 30.73 16.17
C ASP A 179 10.94 30.41 14.68
N ALA A 180 11.91 29.70 14.10
CA ALA A 180 11.95 29.32 12.67
C ALA A 180 10.90 28.24 12.40
N ASP A 181 10.24 28.34 11.25
CA ASP A 181 9.17 27.42 10.81
C ASP A 181 9.83 26.14 10.27
N GLU A 182 9.31 24.96 10.61
CA GLU A 182 9.82 23.64 10.14
C GLU A 182 10.03 23.65 8.63
N SER A 183 9.04 24.12 7.89
CA SER A 183 9.07 24.21 6.41
C SER A 183 10.23 25.12 5.98
N SER A 184 10.41 26.27 6.63
CA SER A 184 11.50 27.24 6.33
C SER A 184 12.86 26.55 6.54
N LEU A 185 13.02 25.82 7.65
CA LEU A 185 14.28 25.10 7.99
C LEU A 185 14.53 24.02 6.93
N ASN A 186 13.45 23.41 6.41
CA ASN A 186 13.49 22.34 5.38
C ASN A 186 14.17 22.86 4.10
N ALA A 187 13.95 24.14 3.76
CA ALA A 187 14.53 24.81 2.57
C ALA A 187 16.05 24.57 2.51
N ARG A 188 16.73 24.60 3.65
CA ARG A 188 18.21 24.55 3.75
C ARG A 188 18.75 23.14 3.53
N LEU A 189 17.90 22.12 3.60
CA LEU A 189 18.33 20.69 3.58
C LEU A 189 18.73 20.30 2.16
N VAL A 190 19.70 19.40 2.03
CA VAL A 190 20.04 18.73 0.73
C VAL A 190 20.36 17.25 1.01
N ALA A 191 19.86 16.40 0.13
CA ALA A 191 19.96 14.92 0.17
C ALA A 191 20.71 14.45 -1.07
N TYR A 192 21.41 13.32 -0.97
CA TYR A 192 22.25 12.78 -2.06
C TYR A 192 21.86 11.34 -2.38
N ALA A 193 22.02 10.98 -3.66
CA ALA A 193 22.07 9.59 -4.16
C ALA A 193 23.03 9.51 -5.36
N SER A 194 23.37 8.30 -5.78
CA SER A 194 24.03 8.02 -7.09
C SER A 194 23.19 8.61 -8.21
N ASP A 195 23.80 8.99 -9.35
CA ASP A 195 23.00 9.36 -10.54
C ASP A 195 22.49 8.08 -11.20
N GLN A 196 22.73 6.91 -10.60
CA GLN A 196 22.14 5.61 -11.01
C GLN A 196 20.94 5.26 -10.13
N ALA A 197 20.60 6.11 -9.17
CA ALA A 197 19.51 5.90 -8.19
C ALA A 197 18.19 5.69 -8.94
N HIS A 198 17.38 4.75 -8.49
CA HIS A 198 15.99 4.52 -8.95
C HIS A 198 15.21 5.84 -8.85
N SER A 199 14.20 6.03 -9.69
CA SER A 199 13.38 7.26 -9.79
C SER A 199 12.65 7.55 -8.46
N SER A 200 12.48 6.53 -7.60
CA SER A 200 11.87 6.65 -6.25
C SER A 200 12.62 7.68 -5.41
N VAL A 201 13.94 7.82 -5.61
CA VAL A 201 14.78 8.79 -4.83
C VAL A 201 14.40 10.20 -5.23
N GLU A 202 14.38 10.48 -6.52
CA GLU A 202 13.95 11.80 -7.07
C GLU A 202 12.50 12.11 -6.62
N LYS A 203 11.63 11.11 -6.66
CA LYS A 203 10.18 11.26 -6.33
C LYS A 203 10.04 11.56 -4.83
N ALA A 204 10.82 10.90 -3.96
CA ALA A 204 10.89 11.23 -2.52
C ALA A 204 11.24 12.72 -2.32
N GLY A 205 12.21 13.23 -3.09
CA GLY A 205 12.60 14.66 -3.07
C GLY A 205 11.46 15.56 -3.49
N LEU A 206 10.82 15.25 -4.62
CA LEU A 206 9.65 15.95 -5.22
C LEU A 206 8.52 16.04 -4.18
N ILE A 207 8.22 14.94 -3.49
CA ILE A 207 7.12 14.83 -2.49
C ILE A 207 7.49 15.63 -1.23
N SER A 208 8.71 15.48 -0.69
CA SER A 208 9.13 16.03 0.63
C SER A 208 9.57 17.50 0.51
N LEU A 209 9.76 17.99 -0.72
CA LEU A 209 10.33 19.33 -1.05
C LEU A 209 11.75 19.45 -0.50
N VAL A 210 12.50 18.35 -0.43
CA VAL A 210 13.94 18.34 -0.05
C VAL A 210 14.77 18.35 -1.34
N LYS A 211 15.58 19.40 -1.52
CA LYS A 211 16.62 19.49 -2.60
C LYS A 211 17.36 18.15 -2.65
N MET A 212 17.39 17.56 -3.84
CA MET A 212 18.01 16.24 -4.12
C MET A 212 19.12 16.48 -5.15
N LYS A 213 20.33 16.01 -4.87
CA LYS A 213 21.47 16.14 -5.80
C LYS A 213 22.04 14.75 -6.07
N PHE A 214 22.17 14.41 -7.34
CA PHE A 214 22.60 13.07 -7.82
C PHE A 214 24.08 13.15 -8.20
N LEU A 215 24.88 12.29 -7.58
CA LEU A 215 26.36 12.37 -7.60
C LEU A 215 26.94 11.41 -8.64
N PRO A 216 28.02 11.80 -9.33
CA PRO A 216 28.62 10.96 -10.37
C PRO A 216 29.27 9.70 -9.78
N VAL A 217 29.35 8.66 -10.63
CA VAL A 217 29.80 7.28 -10.26
C VAL A 217 31.13 6.99 -10.96
N ASP A 218 31.80 5.91 -10.55
CA ASP A 218 33.07 5.41 -11.14
C ASP A 218 32.74 4.60 -12.41
N ASP A 219 33.73 3.95 -13.02
CA ASP A 219 33.61 3.19 -14.29
C ASP A 219 32.71 1.97 -14.10
N ASN A 220 32.56 1.47 -12.87
CA ASN A 220 31.64 0.34 -12.53
C ASN A 220 30.26 0.89 -12.12
N PHE A 221 30.02 2.19 -12.29
CA PHE A 221 28.71 2.86 -12.06
C PHE A 221 28.35 2.82 -10.57
N SER A 222 29.38 2.85 -9.71
CA SER A 222 29.30 2.80 -8.24
C SER A 222 29.62 4.20 -7.66
N LEU A 223 28.78 4.69 -6.73
CA LEU A 223 29.02 5.96 -5.99
C LEU A 223 30.14 5.71 -4.99
N ARG A 224 31.15 6.60 -4.97
CA ARG A 224 32.38 6.46 -4.14
C ARG A 224 32.35 7.56 -3.08
N GLY A 225 33.01 7.31 -1.95
CA GLY A 225 33.06 8.22 -0.79
C GLY A 225 33.63 9.58 -1.15
N GLU A 226 34.47 9.65 -2.18
CA GLU A 226 35.13 10.91 -2.57
CA GLU A 226 35.15 10.88 -2.67
C GLU A 226 34.09 11.84 -3.24
N ALA A 227 33.18 11.29 -4.04
CA ALA A 227 32.07 12.02 -4.69
C ALA A 227 31.15 12.64 -3.62
N LEU A 228 30.78 11.87 -2.59
CA LEU A 228 29.93 12.33 -1.46
C LEU A 228 30.66 13.42 -0.67
N GLN A 229 31.94 13.17 -0.33
CA GLN A 229 32.77 14.07 0.51
C GLN A 229 32.90 15.42 -0.20
N LYS A 230 33.21 15.42 -1.49
CA LYS A 230 33.27 16.66 -2.31
C LYS A 230 31.94 17.41 -2.12
N ALA A 231 30.81 16.77 -2.48
CA ALA A 231 29.45 17.34 -2.53
C ALA A 231 29.09 18.01 -1.20
N ILE A 232 29.30 17.29 -0.10
CA ILE A 232 29.04 17.75 1.30
C ILE A 232 29.72 19.11 1.53
N GLU A 233 31.02 19.21 1.19
CA GLU A 233 31.86 20.42 1.43
C GLU A 233 31.33 21.59 0.59
N GLU A 234 31.00 21.33 -0.68
CA GLU A 234 30.57 22.37 -1.65
C GLU A 234 29.20 22.92 -1.22
N ASP A 235 28.31 22.04 -0.78
CA ASP A 235 26.92 22.39 -0.37
C ASP A 235 26.96 23.19 0.94
N LYS A 236 27.66 22.70 1.96
CA LYS A 236 27.91 23.43 3.24
C LYS A 236 28.47 24.84 2.94
N GLN A 237 29.34 24.97 1.93
CA GLN A 237 29.97 26.26 1.51
C GLN A 237 28.88 27.29 1.16
N ARG A 238 27.82 26.84 0.49
CA ARG A 238 26.67 27.70 0.07
C ARG A 238 25.64 27.83 1.19
N GLY A 239 25.91 27.27 2.37
CA GLY A 239 25.01 27.31 3.55
C GLY A 239 23.88 26.30 3.48
N LEU A 240 24.00 25.26 2.63
CA LEU A 240 23.08 24.10 2.59
C LEU A 240 23.45 23.12 3.72
N VAL A 241 22.48 22.30 4.15
CA VAL A 241 22.61 21.40 5.33
C VAL A 241 22.38 19.96 4.87
N PRO A 242 23.45 19.24 4.47
CA PRO A 242 23.36 17.81 4.15
C PRO A 242 22.65 16.99 5.24
N VAL A 243 21.66 16.19 4.85
CA VAL A 243 20.72 15.54 5.82
C VAL A 243 20.61 14.04 5.53
N PHE A 244 20.84 13.61 4.29
CA PHE A 244 20.41 12.27 3.81
C PHE A 244 21.30 11.79 2.68
N VAL A 245 21.61 10.49 2.71
CA VAL A 245 22.29 9.74 1.64
C VAL A 245 21.50 8.47 1.40
N CYS A 246 21.10 8.23 0.15
CA CYS A 246 20.61 6.91 -0.31
C CYS A 246 21.75 6.20 -1.04
N ALA A 247 22.25 5.11 -0.46
CA ALA A 247 23.19 4.15 -1.08
C ALA A 247 22.40 2.99 -1.67
N THR A 248 22.60 2.74 -2.97
CA THR A 248 21.93 1.66 -3.73
C THR A 248 22.89 0.46 -3.86
N LEU A 249 22.48 -0.67 -3.28
CA LEU A 249 23.08 -2.01 -3.51
C LEU A 249 22.24 -2.70 -4.59
N GLY A 250 22.67 -2.58 -5.85
CA GLY A 250 22.00 -3.21 -7.01
C GLY A 250 21.10 -2.22 -7.72
N THR A 251 21.69 -1.29 -8.48
CA THR A 251 20.98 -0.23 -9.26
C THR A 251 20.07 -0.89 -10.29
N THR A 252 19.03 -0.19 -10.72
CA THR A 252 18.01 -0.66 -11.71
C THR A 252 18.69 -0.91 -13.07
N GLY A 253 19.40 0.09 -13.59
CA GLY A 253 19.99 0.10 -14.93
C GLY A 253 20.88 -1.12 -15.17
N VAL A 254 21.97 -1.23 -14.40
CA VAL A 254 23.06 -2.23 -14.63
C VAL A 254 23.38 -3.04 -13.37
N CYS A 255 22.70 -2.81 -12.24
CA CYS A 255 22.89 -3.63 -11.00
C CYS A 255 24.33 -3.43 -10.50
N ALA A 256 24.79 -2.17 -10.50
CA ALA A 256 25.99 -1.71 -9.79
C ALA A 256 25.68 -1.64 -8.29
N PHE A 257 26.73 -1.50 -7.49
CA PHE A 257 26.68 -1.42 -6.01
C PHE A 257 27.48 -0.20 -5.56
N ASP A 258 26.84 0.75 -4.88
CA ASP A 258 27.52 1.92 -4.30
C ASP A 258 28.53 1.39 -3.29
N CSX A 259 29.66 2.08 -3.16
CA CSX A 259 30.71 1.62 -2.26
CB CSX A 259 32.08 2.15 -2.66
SG CSX A 259 33.35 1.15 -1.85
C CSX A 259 30.31 1.97 -0.82
O CSX A 259 30.65 3.03 -0.31
OD CSX A 259 33.25 -0.19 -2.48
N LEU A 260 29.61 1.04 -0.18
CA LEU A 260 29.05 1.25 1.16
C LEU A 260 30.16 1.38 2.21
N SER A 261 31.23 0.58 2.12
CA SER A 261 32.38 0.60 3.07
C SER A 261 33.02 2.00 3.13
N GLU A 262 32.87 2.80 2.06
CA GLU A 262 33.42 4.18 1.95
C GLU A 262 32.35 5.22 2.32
N LEU A 263 31.10 5.00 1.94
CA LEU A 263 29.96 5.94 2.20
C LEU A 263 29.55 5.87 3.67
N GLY A 264 29.46 4.66 4.22
CA GLY A 264 29.04 4.41 5.63
C GLY A 264 29.78 5.29 6.64
N PRO A 265 31.13 5.25 6.67
CA PRO A 265 31.92 6.02 7.66
C PRO A 265 31.76 7.55 7.55
N ILE A 266 31.52 8.06 6.35
CA ILE A 266 31.36 9.52 6.07
C ILE A 266 30.03 9.97 6.69
N CYS A 267 28.96 9.20 6.47
CA CYS A 267 27.59 9.48 6.98
C CYS A 267 27.58 9.46 8.51
N ALA A 268 28.32 8.53 9.13
CA ALA A 268 28.46 8.43 10.61
C ALA A 268 29.22 9.64 11.14
N ARG A 269 30.27 10.09 10.43
CA ARG A 269 31.12 11.25 10.82
C ARG A 269 30.33 12.55 10.66
N GLU A 270 29.69 12.72 9.50
CA GLU A 270 28.95 13.96 9.13
C GLU A 270 27.51 13.94 9.69
N GLY A 271 27.13 12.86 10.40
CA GLY A 271 25.80 12.68 11.02
C GLY A 271 24.68 12.68 9.98
N LEU A 272 24.91 12.08 8.81
CA LEU A 272 23.91 12.01 7.71
C LEU A 272 23.17 10.69 7.83
N TRP A 273 21.84 10.75 7.74
CA TRP A 273 20.97 9.55 7.69
C TRP A 273 21.38 8.75 6.47
N LEU A 274 21.83 7.51 6.67
CA LEU A 274 22.27 6.63 5.57
C LEU A 274 21.19 5.58 5.33
N HIS A 275 20.50 5.68 4.20
CA HIS A 275 19.45 4.73 3.77
C HIS A 275 20.02 3.80 2.72
N ILE A 276 19.82 2.49 2.87
CA ILE A 276 20.26 1.46 1.90
C ILE A 276 19.05 0.99 1.08
N ASP A 277 19.08 1.26 -0.22
CA ASP A 277 18.10 0.70 -1.20
C ASP A 277 18.74 -0.54 -1.82
N ALA A 278 18.24 -1.73 -1.47
CA ALA A 278 18.69 -3.04 -1.99
C ALA A 278 17.49 -3.82 -2.53
N ALA A 279 16.49 -3.12 -3.06
CA ALA A 279 15.23 -3.69 -3.58
C ALA A 279 15.46 -5.11 -4.10
N TYR A 280 16.38 -5.27 -5.06
CA TYR A 280 16.59 -6.53 -5.84
C TYR A 280 17.68 -7.37 -5.18
N ALA A 281 18.88 -6.81 -5.09
CA ALA A 281 20.12 -7.51 -4.64
C ALA A 281 19.95 -8.02 -3.20
N GLY A 282 19.10 -7.38 -2.41
CA GLY A 282 18.83 -7.77 -1.01
C GLY A 282 18.63 -9.27 -0.84
N THR A 283 17.87 -9.90 -1.73
CA THR A 283 17.54 -11.35 -1.66
C THR A 283 18.84 -12.16 -1.77
N ALA A 284 19.82 -11.65 -2.51
CA ALA A 284 21.15 -12.28 -2.70
C ALA A 284 21.89 -12.40 -1.36
N PHE A 285 21.61 -11.51 -0.39
CA PHE A 285 22.32 -11.46 0.91
C PHE A 285 21.92 -12.64 1.80
N LEU A 286 20.89 -13.41 1.41
CA LEU A 286 20.59 -14.76 1.97
C LEU A 286 21.80 -15.68 1.80
N CYS A 287 22.64 -15.44 0.79
CA CYS A 287 23.88 -16.21 0.49
C CYS A 287 25.10 -15.44 0.99
N PRO A 288 25.86 -16.00 1.97
CA PRO A 288 27.04 -15.33 2.51
C PRO A 288 28.10 -14.94 1.46
N GLU A 289 28.18 -15.60 0.30
CA GLU A 289 29.22 -15.32 -0.72
C GLU A 289 28.93 -13.99 -1.45
N PHE A 290 27.70 -13.48 -1.43
CA PHE A 290 27.33 -12.18 -2.08
C PHE A 290 27.43 -11.03 -1.07
N ARG A 291 27.63 -11.33 0.21
CA ARG A 291 27.59 -10.34 1.32
C ARG A 291 28.80 -9.39 1.27
N GLY A 292 29.74 -9.59 0.35
CA GLY A 292 30.83 -8.64 0.07
C GLY A 292 30.30 -7.22 -0.12
N PHE A 293 29.26 -7.05 -0.93
CA PHE A 293 28.69 -5.72 -1.29
C PHE A 293 28.01 -5.07 -0.09
N LEU A 294 27.66 -5.86 0.95
CA LEU A 294 26.96 -5.45 2.19
C LEU A 294 27.96 -4.92 3.22
N LYS A 295 29.26 -4.83 2.92
CA LYS A 295 30.29 -4.34 3.87
C LYS A 295 30.03 -2.85 4.15
N GLY A 296 30.11 -2.45 5.43
CA GLY A 296 29.79 -1.09 5.92
C GLY A 296 28.31 -0.93 6.27
N ILE A 297 27.57 -2.04 6.37
CA ILE A 297 26.11 -2.10 6.67
C ILE A 297 25.86 -1.55 8.08
N GLU A 298 26.80 -1.76 9.01
CA GLU A 298 26.71 -1.30 10.43
C GLU A 298 26.55 0.22 10.49
N TYR A 299 26.92 0.94 9.42
CA TYR A 299 26.77 2.41 9.31
C TYR A 299 25.35 2.80 8.85
N ALA A 300 24.54 1.84 8.39
CA ALA A 300 23.19 2.10 7.84
C ALA A 300 22.23 2.53 8.96
N ASP A 301 21.52 3.63 8.76
CA ASP A 301 20.42 4.13 9.64
C ASP A 301 19.13 3.41 9.27
N SER A 302 19.00 3.00 8.01
CA SER A 302 17.84 2.24 7.48
C SER A 302 18.27 1.40 6.27
N PHE A 303 17.57 0.28 6.06
CA PHE A 303 17.82 -0.68 4.96
C PHE A 303 16.47 -1.16 4.46
N THR A 304 16.34 -1.34 3.14
CA THR A 304 15.12 -1.87 2.51
C THR A 304 15.49 -2.81 1.34
N PHE A 305 14.70 -3.86 1.17
CA PHE A 305 14.77 -4.80 0.02
C PHE A 305 13.37 -5.35 -0.22
N ASN A 306 13.12 -5.91 -1.41
CA ASN A 306 11.79 -6.46 -1.79
C ASN A 306 11.86 -7.98 -1.85
N PRO A 307 11.38 -8.69 -0.80
CA PRO A 307 11.04 -10.11 -0.96
C PRO A 307 10.14 -10.30 -2.18
N SER A 308 9.43 -9.22 -2.56
CA SER A 308 8.44 -9.20 -3.67
C SER A 308 9.12 -9.08 -5.03
N LYS A 309 10.45 -8.96 -5.08
CA LYS A 309 11.20 -9.04 -6.36
C LYS A 309 11.67 -10.50 -6.53
N TRP A 310 12.66 -10.95 -5.77
CA TRP A 310 13.42 -12.19 -6.08
C TRP A 310 13.12 -13.34 -5.10
N MET A 311 12.50 -13.10 -3.94
CA MET A 311 12.38 -14.11 -2.85
C MET A 311 11.05 -14.87 -2.91
N MET A 312 10.28 -14.73 -3.99
CA MET A 312 9.09 -15.58 -4.33
C MET A 312 7.92 -15.33 -3.37
N VAL A 313 7.89 -14.15 -2.73
CA VAL A 313 6.69 -13.60 -2.04
C VAL A 313 5.95 -12.71 -3.05
N HIS A 314 4.65 -12.92 -3.27
CA HIS A 314 3.87 -12.09 -4.23
C HIS A 314 3.72 -10.69 -3.63
N PHE A 315 3.54 -9.69 -4.50
CA PHE A 315 3.47 -8.26 -4.14
C PHE A 315 2.13 -7.99 -3.45
N ASP A 316 2.09 -7.17 -2.40
CA ASP A 316 3.18 -6.32 -1.95
C ASP A 316 3.89 -6.98 -0.77
N CYS A 317 5.20 -6.80 -0.65
CA CYS A 317 6.00 -7.25 0.52
C CYS A 317 7.41 -6.66 0.44
N THR A 318 7.62 -5.53 1.09
CA THR A 318 8.93 -4.83 1.21
C THR A 318 9.35 -4.88 2.67
N GLY A 319 10.60 -5.27 2.94
CA GLY A 319 11.22 -5.19 4.28
C GLY A 319 11.86 -3.83 4.46
N PHE A 320 11.58 -3.17 5.59
CA PHE A 320 12.17 -1.86 5.98
C PHE A 320 12.66 -1.94 7.43
N TRP A 321 13.97 -1.81 7.63
CA TRP A 321 14.63 -1.84 8.96
C TRP A 321 15.16 -0.43 9.28
N VAL A 322 14.93 0.05 10.49
CA VAL A 322 15.52 1.32 11.01
C VAL A 322 16.39 0.99 12.23
N LYS A 323 17.43 1.79 12.46
CA LYS A 323 18.33 1.66 13.63
C LYS A 323 17.61 2.22 14.86
N ASP A 324 16.92 3.34 14.67
CA ASP A 324 16.29 4.15 15.75
C ASP A 324 14.80 4.27 15.48
N LYS A 325 13.98 3.48 16.19
CA LYS A 325 12.52 3.38 15.94
C LYS A 325 11.83 4.61 16.54
N TYR A 326 12.51 5.35 17.44
CA TYR A 326 12.00 6.61 18.02
C TYR A 326 12.04 7.71 16.95
N LYS A 327 13.13 7.82 16.19
CA LYS A 327 13.26 8.83 15.10
C LYS A 327 12.21 8.54 14.01
N LEU A 328 12.00 7.27 13.68
CA LEU A 328 10.96 6.86 12.71
C LEU A 328 9.58 7.33 13.21
N GLN A 329 9.24 7.02 14.46
CA GLN A 329 7.89 7.28 15.02
C GLN A 329 7.67 8.77 15.27
N GLN A 330 8.70 9.59 15.51
CA GLN A 330 8.50 11.05 15.73
C GLN A 330 8.14 11.73 14.39
N THR A 331 8.40 11.06 13.27
CA THR A 331 7.96 11.49 11.90
C THR A 331 6.43 11.47 11.78
N PHE A 332 5.78 10.52 12.47
CA PHE A 332 4.39 10.08 12.21
C PHE A 332 3.46 10.37 13.40
N SER A 333 4.01 10.56 14.60
CA SER A 333 3.30 10.95 15.84
C SER A 333 3.64 12.41 16.17
N VAL A 334 2.65 13.15 16.69
CA VAL A 334 2.82 14.55 17.20
C VAL A 334 3.31 14.46 18.66
N ASN A 335 3.17 13.28 19.28
CA ASN A 335 3.22 13.03 20.74
C ASN A 335 4.23 11.92 21.05
N PRO A 336 5.44 12.24 21.56
CA PRO A 336 6.57 11.30 21.57
C PRO A 336 6.72 10.49 22.87
N GLY A 345 1.88 0.82 25.48
CA GLY A 345 3.15 1.38 25.99
C GLY A 345 4.34 0.50 25.66
N VAL A 346 4.37 -0.72 26.22
CA VAL A 346 5.36 -1.79 25.91
C VAL A 346 4.95 -2.47 24.60
N ALA A 347 3.70 -2.25 24.14
CA ALA A 347 3.11 -2.82 22.91
C ALA A 347 3.49 -1.95 21.71
N THR A 348 4.00 -2.56 20.63
CA THR A 348 4.46 -1.89 19.39
C THR A 348 3.26 -1.63 18.46
N ASP A 349 3.00 -0.36 18.12
CA ASP A 349 1.90 0.07 17.20
C ASP A 349 2.52 0.49 15.87
N PHE A 350 2.31 -0.29 14.82
CA PHE A 350 3.04 -0.15 13.54
C PHE A 350 2.53 1.07 12.75
N MET A 351 1.36 1.63 13.10
CA MET A 351 0.80 2.82 12.41
C MET A 351 1.77 4.01 12.55
N HIS A 352 2.66 3.99 13.53
CA HIS A 352 3.70 5.04 13.75
C HIS A 352 5.00 4.69 13.00
N TRP A 353 5.03 3.62 12.22
CA TRP A 353 6.23 3.15 11.47
C TRP A 353 5.98 3.29 9.97
N GLN A 354 4.91 3.97 9.57
CA GLN A 354 4.43 4.00 8.17
C GLN A 354 3.61 5.27 7.93
N ILE A 355 3.33 5.57 6.66
CA ILE A 355 2.51 6.74 6.24
C ILE A 355 1.05 6.50 6.61
N PRO A 356 0.38 5.41 6.17
CA PRO A 356 -1.04 5.24 6.47
C PRO A 356 -1.32 4.95 7.96
N LEU A 357 -2.60 4.69 8.25
CA LEU A 357 -3.09 4.24 9.57
C LEU A 357 -3.28 2.73 9.48
N SER A 358 -4.19 2.29 8.62
CA SER A 358 -4.50 0.85 8.35
C SER A 358 -3.25 0.16 7.80
N ARG A 359 -3.15 -1.14 8.06
CA ARG A 359 -2.19 -2.09 7.44
C ARG A 359 -2.86 -3.46 7.53
N ARG A 360 -2.44 -4.41 6.71
CA ARG A 360 -3.05 -5.76 6.69
C ARG A 360 -1.98 -6.81 7.01
N PHE A 361 -2.44 -8.06 7.11
CA PHE A 361 -1.69 -9.20 7.69
C PHE A 361 -0.79 -9.78 6.60
N ARG A 362 0.21 -9.01 6.18
CA ARG A 362 1.16 -9.36 5.09
C ARG A 362 2.10 -10.48 5.58
N SER A 363 2.32 -10.59 6.90
CA SER A 363 3.37 -11.45 7.51
C SER A 363 3.12 -12.95 7.27
N VAL A 364 1.85 -13.36 7.10
CA VAL A 364 1.44 -14.80 6.94
C VAL A 364 2.09 -15.34 5.67
N LYS A 365 1.85 -14.68 4.53
CA LYS A 365 2.40 -15.08 3.21
C LYS A 365 3.94 -15.11 3.29
N LEU A 366 4.58 -14.12 3.91
CA LEU A 366 6.06 -14.10 4.09
C LEU A 366 6.49 -15.32 4.91
N TRP A 367 5.78 -15.59 6.01
CA TRP A 367 6.04 -16.71 6.96
C TRP A 367 5.95 -18.05 6.22
N PHE A 368 4.84 -18.28 5.51
CA PHE A 368 4.56 -19.53 4.75
C PHE A 368 5.70 -19.78 3.77
N VAL A 369 6.14 -18.76 3.04
CA VAL A 369 7.24 -18.84 2.02
C VAL A 369 8.56 -19.22 2.69
N ILE A 370 8.94 -18.55 3.79
CA ILE A 370 10.24 -18.82 4.48
C ILE A 370 10.22 -20.24 5.04
N ARG A 371 9.06 -20.67 5.56
CA ARG A 371 8.85 -22.00 6.19
C ARG A 371 8.74 -23.06 5.09
N SER A 372 7.87 -22.85 4.09
CA SER A 372 7.49 -23.86 3.08
C SER A 372 8.73 -24.25 2.24
N PHE A 373 9.63 -23.30 2.02
CA PHE A 373 10.90 -23.48 1.26
C PHE A 373 12.04 -23.82 2.22
N GLY A 374 12.14 -23.09 3.33
CA GLY A 374 13.31 -23.13 4.23
C GLY A 374 14.48 -22.41 3.59
N VAL A 375 15.52 -22.11 4.38
CA VAL A 375 16.60 -21.13 4.04
C VAL A 375 17.38 -21.64 2.83
N LYS A 376 18.02 -22.80 2.96
CA LYS A 376 18.99 -23.34 1.95
C LYS A 376 18.35 -23.36 0.55
N ASN A 377 17.05 -23.67 0.45
CA ASN A 377 16.30 -23.70 -0.84
C ASN A 377 16.08 -22.28 -1.39
N LEU A 378 15.98 -21.27 -0.52
CA LEU A 378 15.94 -19.83 -0.94
C LEU A 378 17.33 -19.44 -1.44
N GLN A 379 18.40 -19.94 -0.80
CA GLN A 379 19.81 -19.64 -1.15
C GLN A 379 20.14 -20.30 -2.50
N ALA A 380 19.59 -21.49 -2.74
CA ALA A 380 19.81 -22.29 -3.97
C ALA A 380 19.03 -21.68 -5.13
N HIS A 381 17.84 -21.13 -4.87
CA HIS A 381 17.04 -20.37 -5.88
C HIS A 381 17.88 -19.19 -6.39
N VAL A 382 18.44 -18.38 -5.49
CA VAL A 382 19.32 -17.22 -5.81
C VAL A 382 20.50 -17.69 -6.67
N ARG A 383 21.11 -18.83 -6.32
CA ARG A 383 22.34 -19.35 -6.98
C ARG A 383 21.97 -19.81 -8.40
N HIS A 384 20.91 -20.61 -8.52
CA HIS A 384 20.38 -21.12 -9.82
C HIS A 384 20.03 -19.95 -10.75
N GLY A 385 19.31 -18.94 -10.25
CA GLY A 385 18.93 -17.74 -11.04
C GLY A 385 20.17 -17.03 -11.56
N THR A 386 21.16 -16.84 -10.68
CA THR A 386 22.49 -16.24 -11.00
C THR A 386 23.23 -17.11 -12.02
N GLU A 387 23.11 -18.43 -11.87
CA GLU A 387 23.75 -19.43 -12.78
C GLU A 387 23.16 -19.25 -14.19
N MET A 388 21.84 -19.09 -14.29
CA MET A 388 21.13 -18.90 -15.59
C MET A 388 21.60 -17.60 -16.24
N ALA A 389 21.86 -16.55 -15.44
CA ALA A 389 22.40 -15.24 -15.90
C ALA A 389 23.82 -15.41 -16.42
N LYS A 390 24.66 -16.17 -15.72
CA LYS A 390 26.06 -16.51 -16.13
C LYS A 390 26.03 -17.22 -17.49
N TYR A 391 25.16 -18.23 -17.65
CA TYR A 391 25.00 -18.95 -18.94
C TYR A 391 24.63 -17.94 -20.04
N PHE A 392 23.66 -17.05 -19.78
CA PHE A 392 23.21 -16.02 -20.75
C PHE A 392 24.38 -15.08 -21.08
N GLU A 393 25.11 -14.61 -20.07
CA GLU A 393 26.31 -13.76 -20.23
C GLU A 393 27.32 -14.39 -21.20
N SER A 394 27.69 -15.66 -20.98
CA SER A 394 28.71 -16.41 -21.78
C SER A 394 28.27 -16.49 -23.24
N LEU A 395 26.96 -16.58 -23.50
CA LEU A 395 26.39 -16.56 -24.88
C LEU A 395 26.62 -15.18 -25.50
N VAL A 396 26.25 -14.11 -24.80
CA VAL A 396 26.42 -12.72 -25.31
C VAL A 396 27.91 -12.48 -25.61
N ARG A 397 28.80 -12.84 -24.66
CA ARG A 397 30.23 -12.44 -24.66
C ARG A 397 30.99 -13.16 -25.78
N ASN A 398 30.50 -14.32 -26.23
CA ASN A 398 31.16 -15.10 -27.31
C ASN A 398 30.80 -14.54 -28.69
N ASP A 399 29.80 -13.64 -28.78
CA ASP A 399 29.30 -13.11 -30.07
C ASP A 399 29.80 -11.67 -30.26
N PRO A 400 30.72 -11.42 -31.21
CA PRO A 400 31.33 -10.10 -31.41
C PRO A 400 30.47 -9.04 -32.11
N SER A 401 29.20 -9.35 -32.42
CA SER A 401 28.17 -8.35 -32.79
C SER A 401 27.80 -7.49 -31.58
N PHE A 402 27.99 -8.01 -30.36
CA PHE A 402 27.47 -7.47 -29.09
C PHE A 402 28.60 -7.06 -28.16
N GLU A 403 28.30 -6.13 -27.24
CA GLU A 403 29.20 -5.67 -26.15
C GLU A 403 28.41 -5.59 -24.83
N ILE A 404 29.09 -5.86 -23.72
CA ILE A 404 28.56 -5.84 -22.33
C ILE A 404 29.23 -4.69 -21.58
N PRO A 405 28.57 -3.52 -21.45
CA PRO A 405 29.22 -2.33 -20.89
C PRO A 405 29.23 -2.25 -19.35
N ALA A 406 28.70 -3.28 -18.66
CA ALA A 406 28.74 -3.36 -17.18
C ALA A 406 28.76 -4.83 -16.71
N LYS A 407 29.44 -5.05 -15.59
CA LYS A 407 29.70 -6.39 -15.00
C LYS A 407 28.39 -6.96 -14.45
N ARG A 408 28.10 -8.24 -14.74
CA ARG A 408 26.97 -9.02 -14.18
C ARG A 408 27.38 -9.57 -12.80
N HIS A 409 26.80 -9.04 -11.73
CA HIS A 409 27.05 -9.49 -10.33
C HIS A 409 26.00 -10.53 -9.92
N LEU A 410 24.78 -10.45 -10.47
CA LEU A 410 23.66 -11.36 -10.06
C LEU A 410 22.93 -11.85 -11.32
N GLY A 411 21.62 -11.63 -11.40
CA GLY A 411 20.72 -12.21 -12.42
C GLY A 411 20.42 -11.23 -13.54
N LEU A 412 21.09 -10.08 -13.60
CA LEU A 412 20.91 -9.05 -14.67
C LEU A 412 22.19 -8.99 -15.52
N VAL A 413 22.03 -9.20 -16.82
CA VAL A 413 23.08 -8.95 -17.84
C VAL A 413 22.56 -7.81 -18.72
N VAL A 414 23.35 -6.76 -18.89
CA VAL A 414 23.10 -5.64 -19.83
C VAL A 414 24.05 -5.81 -21.03
N PHE A 415 23.57 -5.51 -22.24
CA PHE A 415 24.34 -5.62 -23.49
C PHE A 415 23.68 -4.75 -24.57
N ARG A 416 24.31 -4.68 -25.74
CA ARG A 416 23.83 -3.94 -26.93
C ARG A 416 24.58 -4.42 -28.18
N LEU A 417 24.00 -4.21 -29.37
CA LEU A 417 24.72 -4.30 -30.67
C LEU A 417 25.81 -3.22 -30.69
N LYS A 418 27.05 -3.60 -31.04
CA LYS A 418 28.13 -2.65 -31.42
C LYS A 418 27.59 -1.78 -32.57
N GLY A 419 27.95 -0.49 -32.57
CA GLY A 419 27.43 0.51 -33.53
C GLY A 419 26.47 1.49 -32.85
N PRO A 420 25.62 2.21 -33.62
CA PRO A 420 24.74 3.22 -33.04
C PRO A 420 23.56 2.61 -32.28
N ASN A 421 22.98 3.41 -31.36
CA ASN A 421 21.80 3.07 -30.52
C ASN A 421 20.69 2.48 -31.38
N SER A 422 20.44 3.07 -32.56
CA SER A 422 19.37 2.70 -33.53
C SER A 422 19.34 1.19 -33.82
N LEU A 423 20.49 0.53 -33.92
CA LEU A 423 20.57 -0.94 -34.20
C LEU A 423 19.90 -1.68 -33.04
N THR A 424 20.31 -1.36 -31.80
CA THR A 424 19.78 -1.98 -30.55
C THR A 424 18.29 -1.65 -30.41
N GLU A 425 17.89 -0.40 -30.72
CA GLU A 425 16.48 0.06 -30.73
C GLU A 425 15.65 -0.84 -31.66
N ASN A 426 16.10 -1.04 -32.90
CA ASN A 426 15.36 -1.83 -33.92
C ASN A 426 15.33 -3.32 -33.52
N VAL A 427 16.35 -3.81 -32.81
CA VAL A 427 16.41 -5.21 -32.29
C VAL A 427 15.26 -5.39 -31.29
N LEU A 428 15.18 -4.50 -30.29
CA LEU A 428 14.05 -4.43 -29.32
C LEU A 428 12.72 -4.35 -30.08
N LYS A 429 12.60 -3.42 -31.05
CA LYS A 429 11.38 -3.23 -31.87
C LYS A 429 10.95 -4.55 -32.50
N GLU A 430 11.90 -5.31 -33.07
CA GLU A 430 11.65 -6.59 -33.78
C GLU A 430 11.25 -7.68 -32.78
N ILE A 431 12.01 -7.81 -31.69
CA ILE A 431 11.70 -8.80 -30.60
C ILE A 431 10.25 -8.54 -30.16
N ALA A 432 9.88 -7.25 -30.02
CA ALA A 432 8.53 -6.79 -29.57
C ALA A 432 7.41 -7.30 -30.50
N LYS A 433 7.67 -7.58 -31.78
CA LYS A 433 6.59 -7.88 -32.77
C LYS A 433 5.89 -9.20 -32.41
N ALA A 434 6.64 -10.24 -32.03
CA ALA A 434 6.11 -11.54 -31.59
C ALA A 434 5.93 -11.56 -30.06
N GLY A 435 6.60 -10.65 -29.33
CA GLY A 435 6.55 -10.57 -27.86
C GLY A 435 6.64 -11.93 -27.18
N ARG A 436 7.51 -12.81 -27.70
CA ARG A 436 7.73 -14.18 -27.15
C ARG A 436 8.70 -14.08 -25.97
N LEU A 437 9.44 -12.97 -25.89
CA LEU A 437 10.11 -12.55 -24.63
C LEU A 437 9.90 -11.05 -24.45
N PHE A 438 9.89 -10.60 -23.20
CA PHE A 438 9.54 -9.21 -22.79
C PHE A 438 10.84 -8.51 -22.38
N LEU A 439 11.23 -7.49 -23.15
CA LEU A 439 12.43 -6.67 -22.88
C LEU A 439 12.05 -5.19 -22.83
N ILE A 440 12.76 -4.39 -22.03
CA ILE A 440 12.54 -2.92 -21.89
C ILE A 440 13.84 -2.20 -22.21
N PRO A 441 13.78 -1.18 -23.11
CA PRO A 441 14.96 -0.37 -23.43
C PRO A 441 15.37 0.48 -22.22
N ALA A 442 16.61 0.33 -21.74
CA ALA A 442 17.22 1.18 -20.71
C ALA A 442 18.36 2.01 -21.32
N THR A 443 19.07 2.81 -20.50
CA THR A 443 20.23 3.62 -20.90
C THR A 443 21.22 3.79 -19.74
N ILE A 444 22.51 3.71 -20.05
CA ILE A 444 23.65 4.16 -19.18
C ILE A 444 24.42 5.21 -19.99
N GLN A 445 24.71 6.36 -19.40
CA GLN A 445 25.36 7.51 -20.10
C GLN A 445 24.54 7.82 -21.35
N ASP A 446 25.13 7.69 -22.54
CA ASP A 446 24.49 7.97 -23.85
C ASP A 446 24.13 6.66 -24.56
N LYS A 447 24.54 5.50 -24.01
CA LYS A 447 24.48 4.17 -24.68
C LYS A 447 23.16 3.47 -24.32
N LEU A 448 22.35 3.17 -25.33
CA LEU A 448 21.13 2.34 -25.19
C LEU A 448 21.57 0.87 -25.03
N ILE A 449 20.94 0.16 -24.09
CA ILE A 449 21.23 -1.25 -23.72
C ILE A 449 19.93 -2.06 -23.70
N ILE A 450 20.05 -3.38 -23.91
CA ILE A 450 18.99 -4.37 -23.57
C ILE A 450 19.34 -4.88 -22.18
N ARG A 451 18.40 -4.78 -21.24
CA ARG A 451 18.46 -5.42 -19.90
C ARG A 451 17.84 -6.80 -20.03
N PHE A 452 18.56 -7.83 -19.56
CA PHE A 452 18.06 -9.23 -19.57
C PHE A 452 18.12 -9.72 -18.13
N THR A 453 16.95 -9.75 -17.49
CA THR A 453 16.76 -10.19 -16.10
C THR A 453 16.25 -11.62 -16.10
N VAL A 454 16.95 -12.50 -15.40
CA VAL A 454 16.44 -13.85 -15.05
C VAL A 454 15.37 -13.65 -13.98
N THR A 455 14.15 -14.11 -14.26
CA THR A 455 12.98 -13.97 -13.37
C THR A 455 12.64 -15.35 -12.79
N SER A 456 11.74 -16.07 -13.44
CA SER A 456 11.12 -17.32 -12.93
C SER A 456 12.15 -18.16 -12.16
N GLN A 457 11.77 -18.67 -10.99
CA GLN A 457 12.56 -19.65 -10.19
C GLN A 457 12.76 -20.93 -11.03
N PHE A 458 11.82 -21.26 -11.93
CA PHE A 458 11.81 -22.49 -12.76
C PHE A 458 12.57 -22.29 -14.08
N THR A 459 13.30 -21.18 -14.24
CA THR A 459 14.12 -20.93 -15.46
C THR A 459 15.10 -22.10 -15.63
N THR A 460 15.18 -22.64 -16.85
CA THR A 460 16.14 -23.71 -17.26
C THR A 460 17.20 -23.11 -18.19
N ARG A 461 18.28 -23.82 -18.46
CA ARG A 461 19.29 -23.43 -19.49
C ARG A 461 18.62 -23.40 -20.87
N ASP A 462 17.61 -24.25 -21.09
CA ASP A 462 16.83 -24.32 -22.35
C ASP A 462 16.07 -23.00 -22.55
N ASP A 463 15.41 -22.50 -21.51
CA ASP A 463 14.70 -21.18 -21.55
C ASP A 463 15.70 -20.10 -22.00
N ILE A 464 16.90 -20.08 -21.41
CA ILE A 464 17.93 -19.03 -21.66
C ILE A 464 18.38 -19.11 -23.13
N LEU A 465 18.74 -20.30 -23.62
CA LEU A 465 19.21 -20.52 -25.02
C LEU A 465 18.10 -20.13 -25.99
N ARG A 466 16.89 -20.68 -25.80
CA ARG A 466 15.66 -20.29 -26.55
C ARG A 466 15.59 -18.77 -26.67
N ASP A 467 15.72 -18.04 -25.56
CA ASP A 467 15.54 -16.57 -25.53
C ASP A 467 16.71 -15.90 -26.25
N TRP A 468 17.95 -16.32 -25.98
CA TRP A 468 19.16 -15.80 -26.67
C TRP A 468 19.01 -15.97 -28.19
N ASN A 469 18.49 -17.11 -28.63
CA ASN A 469 18.38 -17.42 -30.08
C ASN A 469 17.40 -16.43 -30.73
N LEU A 470 16.31 -16.06 -30.03
CA LEU A 470 15.31 -15.08 -30.57
C LEU A 470 15.96 -13.70 -30.69
N ILE A 471 16.82 -13.34 -29.72
CA ILE A 471 17.59 -12.07 -29.72
C ILE A 471 18.56 -12.13 -30.91
N ARG A 472 19.32 -13.22 -31.03
CA ARG A 472 20.31 -13.45 -32.13
C ARG A 472 19.59 -13.32 -33.48
N ASP A 473 18.43 -13.99 -33.64
CA ASP A 473 17.62 -13.97 -34.89
C ASP A 473 17.22 -12.54 -35.23
N ALA A 474 16.80 -11.77 -34.22
CA ALA A 474 16.36 -10.37 -34.41
C ALA A 474 17.58 -9.50 -34.76
N ALA A 475 18.71 -9.69 -34.09
CA ALA A 475 20.00 -9.02 -34.38
C ALA A 475 20.41 -9.30 -35.83
N THR A 476 20.43 -10.57 -36.25
CA THR A 476 20.78 -11.00 -37.63
C THR A 476 19.87 -10.30 -38.65
N LEU A 477 18.56 -10.20 -38.39
CA LEU A 477 17.63 -9.55 -39.35
C LEU A 477 17.90 -8.04 -39.43
N ILE A 478 18.11 -7.35 -38.31
CA ILE A 478 18.31 -5.86 -38.30
C ILE A 478 19.63 -5.53 -39.01
N LEU A 479 20.68 -6.33 -38.79
CA LEU A 479 22.07 -6.08 -39.29
C LEU A 479 22.15 -6.43 -40.79
N SER A 480 21.03 -6.88 -41.37
CA SER A 480 20.90 -7.28 -42.80
C SER A 480 20.01 -6.29 -43.56
N GLN A 481 19.79 -5.10 -42.98
CA GLN A 481 19.03 -3.98 -43.61
C GLN A 481 19.96 -2.76 -43.71
N SER B 5 11.11 -26.37 -2.03
CA SER B 5 10.45 -26.41 -3.36
C SER B 5 9.19 -27.29 -3.29
N MET B 6 8.00 -26.71 -3.46
CA MET B 6 6.69 -27.41 -3.50
C MET B 6 6.53 -28.10 -4.85
N GLU B 7 5.34 -28.66 -5.15
CA GLU B 7 5.00 -29.27 -6.46
C GLU B 7 3.51 -29.11 -6.75
N PRO B 8 3.10 -29.04 -8.04
CA PRO B 8 1.74 -28.68 -8.42
C PRO B 8 0.60 -29.46 -7.74
N GLU B 9 0.75 -30.78 -7.60
CA GLU B 9 -0.28 -31.68 -7.01
C GLU B 9 -0.33 -31.48 -5.49
N GLU B 10 0.80 -31.13 -4.89
CA GLU B 10 0.89 -30.73 -3.46
C GLU B 10 0.06 -29.45 -3.26
N TYR B 11 0.40 -28.36 -3.98
CA TYR B 11 -0.34 -27.07 -3.95
C TYR B 11 -1.84 -27.31 -4.16
N ARG B 12 -2.22 -28.19 -5.08
CA ARG B 12 -3.65 -28.42 -5.45
C ARG B 12 -4.43 -28.82 -4.19
N GLU B 13 -3.92 -29.79 -3.43
CA GLU B 13 -4.60 -30.39 -2.24
CA GLU B 13 -4.61 -30.38 -2.25
C GLU B 13 -4.72 -29.35 -1.12
N ARG B 14 -3.67 -28.55 -0.91
CA ARG B 14 -3.57 -27.56 0.20
C ARG B 14 -4.50 -26.36 -0.09
N GLY B 15 -4.66 -26.00 -1.36
CA GLY B 15 -5.65 -25.00 -1.80
C GLY B 15 -7.07 -25.42 -1.44
N ARG B 16 -7.40 -26.69 -1.72
CA ARG B 16 -8.73 -27.30 -1.42
C ARG B 16 -8.93 -27.29 0.11
N GLU B 17 -7.86 -27.57 0.85
CA GLU B 17 -7.77 -27.55 2.33
C GLU B 17 -8.07 -26.13 2.83
N MET B 18 -7.38 -25.12 2.27
CA MET B 18 -7.50 -23.70 2.66
C MET B 18 -8.91 -23.18 2.33
N VAL B 19 -9.48 -23.63 1.20
CA VAL B 19 -10.85 -23.22 0.75
C VAL B 19 -11.87 -23.63 1.82
N ASP B 20 -11.91 -24.93 2.18
CA ASP B 20 -12.87 -25.50 3.16
C ASP B 20 -12.70 -24.79 4.50
N TYR B 21 -11.45 -24.65 4.97
CA TYR B 21 -11.13 -23.96 6.24
C TYR B 21 -11.84 -22.60 6.30
N ILE B 22 -11.71 -21.80 5.24
CA ILE B 22 -12.22 -20.39 5.16
C ILE B 22 -13.75 -20.39 5.14
N CYS B 23 -14.38 -21.30 4.40
CA CYS B 23 -15.86 -21.53 4.38
C CYS B 23 -16.35 -21.77 5.82
N GLN B 24 -15.63 -22.62 6.56
CA GLN B 24 -15.91 -23.00 7.97
C GLN B 24 -15.75 -21.76 8.86
N TYR B 25 -14.61 -21.07 8.75
CA TYR B 25 -14.21 -19.93 9.59
C TYR B 25 -15.24 -18.80 9.49
N LEU B 26 -15.46 -18.27 8.27
CA LEU B 26 -16.43 -17.16 8.01
C LEU B 26 -17.84 -17.62 8.44
N SER B 27 -18.17 -18.88 8.19
CA SER B 27 -19.50 -19.50 8.43
C SER B 27 -19.81 -19.57 9.94
N THR B 28 -18.79 -19.77 10.78
CA THR B 28 -18.95 -20.11 12.22
C THR B 28 -18.43 -18.95 13.12
N VAL B 29 -18.14 -17.79 12.54
CA VAL B 29 -17.33 -16.70 13.18
C VAL B 29 -18.02 -16.21 14.46
N ARG B 30 -19.36 -16.27 14.53
CA ARG B 30 -20.17 -15.92 15.73
C ARG B 30 -19.65 -16.68 16.96
N GLU B 31 -19.16 -17.91 16.77
CA GLU B 31 -18.73 -18.85 17.85
C GLU B 31 -17.38 -18.43 18.45
N ARG B 32 -16.70 -17.44 17.86
CA ARG B 32 -15.35 -16.95 18.29
C ARG B 32 -15.51 -15.87 19.35
N ARG B 33 -14.65 -15.85 20.37
CA ARG B 33 -14.43 -14.64 21.21
C ARG B 33 -13.93 -13.54 20.24
N VAL B 34 -14.65 -12.42 20.13
CA VAL B 34 -14.39 -11.37 19.08
C VAL B 34 -12.98 -10.82 19.27
N THR B 35 -12.64 -10.38 20.49
CA THR B 35 -11.26 -9.94 20.86
C THR B 35 -10.56 -11.08 21.58
N PRO B 36 -9.24 -11.25 21.36
CA PRO B 36 -8.49 -12.31 22.05
C PRO B 36 -8.14 -11.89 23.47
N ASP B 37 -8.04 -12.85 24.39
CA ASP B 37 -7.49 -12.64 25.75
C ASP B 37 -6.01 -13.00 25.67
N VAL B 38 -5.15 -12.03 25.33
CA VAL B 38 -3.68 -12.18 25.21
C VAL B 38 -3.00 -10.89 25.65
N GLN B 39 -1.72 -10.98 26.06
CA GLN B 39 -0.90 -9.83 26.51
C GLN B 39 0.19 -9.59 25.47
N PRO B 40 0.62 -8.32 25.23
CA PRO B 40 1.70 -8.05 24.28
C PRO B 40 2.98 -8.80 24.71
N GLY B 41 3.67 -9.42 23.73
CA GLY B 41 4.82 -10.33 23.94
C GLY B 41 4.43 -11.79 23.74
N TYR B 42 3.13 -12.11 23.78
CA TYR B 42 2.55 -13.48 23.93
C TYR B 42 3.06 -14.44 22.84
N LEU B 43 3.26 -13.98 21.60
CA LEU B 43 3.46 -14.88 20.43
C LEU B 43 4.91 -15.34 20.29
N ARG B 44 5.89 -14.58 20.78
CA ARG B 44 7.33 -14.91 20.58
C ARG B 44 7.64 -16.30 21.12
N ALA B 45 7.12 -16.62 22.32
CA ALA B 45 7.37 -17.87 23.08
C ALA B 45 7.02 -19.11 22.23
N GLN B 46 6.01 -19.00 21.35
CA GLN B 46 5.45 -20.13 20.55
C GLN B 46 6.02 -20.16 19.12
N LEU B 47 7.00 -19.31 18.80
CA LEU B 47 7.74 -19.31 17.51
C LEU B 47 9.20 -19.66 17.75
N PRO B 48 9.85 -20.46 16.86
CA PRO B 48 11.30 -20.62 16.87
C PRO B 48 12.02 -19.25 16.82
N GLU B 49 13.29 -19.22 17.22
CA GLU B 49 14.13 -17.98 17.24
C GLU B 49 14.49 -17.57 15.80
N SER B 50 14.53 -18.53 14.88
CA SER B 50 15.10 -18.37 13.51
C SER B 50 14.27 -19.15 12.47
N ALA B 51 14.36 -18.72 11.22
CA ALA B 51 13.76 -19.38 10.04
C ALA B 51 14.28 -20.81 9.94
N PRO B 52 13.42 -21.78 9.59
CA PRO B 52 13.86 -23.18 9.45
C PRO B 52 14.73 -23.34 8.20
N GLU B 53 15.87 -24.05 8.35
CA GLU B 53 16.88 -24.28 7.28
C GLU B 53 16.34 -25.24 6.20
N ASP B 54 15.42 -26.12 6.56
CA ASP B 54 14.76 -27.09 5.65
C ASP B 54 13.24 -26.91 5.73
N PRO B 55 12.47 -27.35 4.71
CA PRO B 55 11.02 -27.14 4.70
C PRO B 55 10.27 -27.85 5.84
N ASP B 56 9.43 -27.11 6.56
CA ASP B 56 8.48 -27.65 7.56
C ASP B 56 7.30 -28.30 6.83
N SER B 57 6.64 -29.27 7.45
CA SER B 57 5.45 -29.96 6.87
C SER B 57 4.31 -28.96 6.70
N TRP B 58 3.32 -29.32 5.87
CA TRP B 58 2.13 -28.47 5.57
C TRP B 58 0.97 -28.79 6.49
N ASP B 59 1.01 -29.93 7.19
CA ASP B 59 0.13 -30.24 8.34
C ASP B 59 0.60 -29.41 9.55
N SER B 60 1.93 -29.26 9.70
CA SER B 60 2.61 -28.38 10.70
C SER B 60 2.23 -26.92 10.50
N ILE B 61 2.38 -26.42 9.26
CA ILE B 61 2.13 -24.99 8.90
C ILE B 61 0.62 -24.72 8.97
N PHE B 62 -0.20 -25.54 8.31
CA PHE B 62 -1.68 -25.41 8.30
C PHE B 62 -2.24 -25.58 9.72
N GLY B 63 -1.58 -26.41 10.55
CA GLY B 63 -1.96 -26.62 11.96
C GLY B 63 -1.86 -25.34 12.78
N ASP B 64 -0.84 -24.51 12.50
CA ASP B 64 -0.47 -23.32 13.30
C ASP B 64 -1.52 -22.20 13.17
N ILE B 65 -2.45 -22.33 12.21
CA ILE B 65 -3.57 -21.35 12.00
C ILE B 65 -4.46 -21.32 13.26
N GLU B 66 -5.04 -22.46 13.65
CA GLU B 66 -5.87 -22.57 14.89
C GLU B 66 -4.95 -22.62 16.12
N ARG B 67 -3.72 -23.13 15.96
CA ARG B 67 -2.77 -23.35 17.08
CA ARG B 67 -2.79 -23.36 17.10
C ARG B 67 -2.19 -22.02 17.55
N ILE B 68 -1.58 -21.26 16.62
CA ILE B 68 -0.68 -20.10 16.96
C ILE B 68 -1.26 -18.76 16.52
N ILE B 69 -2.00 -18.69 15.41
CA ILE B 69 -2.37 -17.38 14.79
C ILE B 69 -3.75 -16.92 15.28
N MET B 70 -4.79 -17.75 15.12
CA MET B 70 -6.20 -17.40 15.43
C MET B 70 -6.40 -17.02 16.90
N PRO B 71 -5.58 -17.50 17.87
CA PRO B 71 -5.67 -17.02 19.25
C PRO B 71 -5.49 -15.50 19.41
N GLY B 72 -4.57 -14.90 18.63
CA GLY B 72 -4.22 -13.47 18.71
C GLY B 72 -5.04 -12.60 17.77
N VAL B 73 -6.13 -13.13 17.19
CA VAL B 73 -6.90 -12.47 16.10
C VAL B 73 -8.12 -11.75 16.68
N VAL B 74 -8.31 -10.49 16.31
CA VAL B 74 -9.63 -9.78 16.39
C VAL B 74 -10.41 -10.17 15.13
N HIS B 75 -11.57 -10.79 15.30
CA HIS B 75 -12.43 -11.28 14.20
C HIS B 75 -13.26 -10.10 13.67
N TRP B 76 -12.67 -9.37 12.71
CA TRP B 76 -13.29 -8.20 12.03
C TRP B 76 -14.53 -8.63 11.24
N GLN B 77 -14.65 -9.91 10.86
CA GLN B 77 -15.81 -10.47 10.11
C GLN B 77 -16.92 -10.94 11.06
N SER B 78 -16.76 -10.81 12.39
CA SER B 78 -17.83 -11.11 13.39
C SER B 78 -18.96 -10.09 13.27
N PRO B 79 -20.24 -10.55 13.23
CA PRO B 79 -21.38 -9.69 13.52
C PRO B 79 -21.31 -8.97 14.88
N HIS B 80 -20.54 -9.53 15.83
CA HIS B 80 -20.35 -9.05 17.21
C HIS B 80 -19.12 -8.11 17.31
N MET B 81 -18.45 -7.85 16.17
CA MET B 81 -17.48 -6.73 16.04
C MET B 81 -18.29 -5.44 15.83
N HIS B 82 -18.15 -4.44 16.71
CA HIS B 82 -18.89 -3.17 16.63
C HIS B 82 -17.96 -1.96 16.84
N ALA B 83 -16.65 -2.21 16.86
CA ALA B 83 -15.60 -1.19 17.09
C ALA B 83 -15.19 -0.58 15.75
N TYR B 84 -14.62 0.63 15.80
CA TYR B 84 -14.10 1.40 14.63
C TYR B 84 -15.21 1.45 13.58
N TYR B 85 -14.86 1.27 12.30
CA TYR B 85 -15.82 1.06 11.20
C TYR B 85 -15.59 -0.34 10.63
N PRO B 86 -16.53 -0.87 9.81
CA PRO B 86 -16.40 -2.24 9.33
C PRO B 86 -15.20 -2.31 8.38
N ALA B 87 -14.56 -3.46 8.32
CA ALA B 87 -13.68 -3.90 7.20
C ALA B 87 -14.22 -5.25 6.71
N LEU B 88 -15.08 -5.22 5.68
CA LEU B 88 -15.88 -6.40 5.26
C LEU B 88 -15.17 -7.16 4.14
N THR B 89 -15.02 -8.47 4.32
CA THR B 89 -14.63 -9.40 3.23
C THR B 89 -15.90 -10.07 2.69
N SER B 90 -15.74 -10.85 1.62
CA SER B 90 -16.77 -11.72 0.99
C SER B 90 -16.06 -12.70 0.05
N TRP B 91 -16.76 -13.78 -0.33
CA TRP B 91 -16.19 -14.89 -1.13
C TRP B 91 -15.70 -14.37 -2.47
N PRO B 92 -16.49 -13.57 -3.24
CA PRO B 92 -16.03 -13.02 -4.52
C PRO B 92 -14.73 -12.20 -4.45
N SER B 93 -14.54 -11.43 -3.39
CA SER B 93 -13.32 -10.61 -3.15
C SER B 93 -12.11 -11.54 -3.00
N LEU B 94 -12.24 -12.59 -2.18
CA LEU B 94 -11.17 -13.59 -1.93
C LEU B 94 -10.76 -14.27 -3.24
N LEU B 95 -11.72 -14.59 -4.12
CA LEU B 95 -11.49 -15.35 -5.38
C LEU B 95 -10.76 -14.45 -6.38
N GLY B 96 -11.18 -13.19 -6.48
CA GLY B 96 -10.53 -12.15 -7.30
C GLY B 96 -9.06 -11.98 -6.96
N ASP B 97 -8.70 -11.93 -5.67
CA ASP B 97 -7.31 -11.66 -5.22
C ASP B 97 -6.48 -12.93 -5.38
N MET B 98 -7.12 -14.11 -5.28
CA MET B 98 -6.46 -15.41 -5.57
C MET B 98 -5.85 -15.31 -6.97
N LEU B 99 -6.66 -14.96 -7.97
CA LEU B 99 -6.24 -14.80 -9.39
C LEU B 99 -5.11 -13.76 -9.46
N ALA B 100 -5.36 -12.56 -8.93
CA ALA B 100 -4.40 -11.43 -8.97
C ALA B 100 -3.03 -11.84 -8.40
N ASP B 101 -3.00 -12.62 -7.31
CA ASP B 101 -1.73 -12.99 -6.59
C ASP B 101 -0.98 -14.07 -7.41
N ALA B 102 -1.70 -14.81 -8.26
CA ALA B 102 -1.14 -15.87 -9.13
C ALA B 102 -0.45 -15.20 -10.32
N ILE B 103 -1.11 -14.21 -10.94
CA ILE B 103 -0.58 -13.44 -12.10
C ILE B 103 0.62 -12.62 -11.61
N ASN B 104 0.46 -12.00 -10.44
CA ASN B 104 1.49 -11.19 -9.75
C ASN B 104 2.17 -10.25 -10.76
N CYS B 105 1.39 -9.54 -11.57
CA CYS B 105 1.87 -8.46 -12.46
C CYS B 105 1.91 -7.15 -11.65
N LEU B 106 2.85 -6.25 -12.00
CA LEU B 106 2.90 -4.85 -11.52
C LEU B 106 2.41 -3.94 -12.65
N GLY B 107 1.67 -2.88 -12.29
CA GLY B 107 0.97 -1.95 -13.20
C GLY B 107 1.40 -0.52 -13.00
N PHE B 108 2.70 -0.28 -12.78
CA PHE B 108 3.27 1.09 -12.62
C PHE B 108 3.05 1.89 -13.92
N THR B 109 3.16 1.23 -15.07
CA THR B 109 2.85 1.80 -16.41
C THR B 109 1.79 0.93 -17.08
N TRP B 110 1.10 1.46 -18.08
CA TRP B 110 0.13 0.67 -18.89
C TRP B 110 0.87 -0.54 -19.49
N ALA B 111 2.06 -0.32 -20.03
CA ALA B 111 2.91 -1.31 -20.73
C ALA B 111 3.29 -2.47 -19.79
N SER B 112 3.52 -2.20 -18.50
CA SER B 112 4.01 -3.22 -17.53
C SER B 112 2.94 -4.28 -17.28
N SER B 113 1.67 -3.98 -17.58
CA SER B 113 0.55 -4.96 -17.71
C SER B 113 -0.73 -4.21 -18.05
N PRO B 114 -1.04 -4.03 -19.36
CA PRO B 114 -2.20 -3.25 -19.78
C PRO B 114 -3.47 -3.51 -18.96
N ALA B 115 -3.83 -4.79 -18.77
CA ALA B 115 -5.07 -5.22 -18.08
C ALA B 115 -5.14 -4.59 -16.69
N CYS B 116 -4.01 -4.56 -15.97
CA CYS B 116 -3.94 -4.02 -14.60
C CYS B 116 -4.45 -2.57 -14.57
N THR B 117 -4.11 -1.78 -15.58
CA THR B 117 -4.54 -0.36 -15.75
C THR B 117 -5.97 -0.29 -16.28
N GLU B 118 -6.28 -1.01 -17.38
CA GLU B 118 -7.54 -0.78 -18.13
C GLU B 118 -8.74 -1.30 -17.32
N LEU B 119 -8.60 -2.43 -16.63
CA LEU B 119 -9.71 -2.97 -15.78
C LEU B 119 -9.95 -1.99 -14.62
N GLU B 120 -8.88 -1.42 -14.06
CA GLU B 120 -9.00 -0.45 -12.94
C GLU B 120 -9.79 0.76 -13.44
N MET B 121 -9.43 1.30 -14.62
CA MET B 121 -10.02 2.56 -15.18
C MET B 121 -11.54 2.37 -15.36
N ASN B 122 -11.95 1.24 -15.94
CA ASN B 122 -13.36 0.99 -16.33
C ASN B 122 -14.19 0.71 -15.07
N VAL B 123 -13.61 -0.02 -14.11
CA VAL B 123 -14.31 -0.40 -12.85
C VAL B 123 -14.40 0.85 -11.97
N MET B 124 -13.44 1.77 -12.08
CA MET B 124 -13.45 3.02 -11.29
C MET B 124 -14.51 3.96 -11.89
N ASP B 125 -14.74 3.91 -13.21
CA ASP B 125 -15.84 4.65 -13.88
C ASP B 125 -17.18 4.06 -13.42
N TRP B 126 -17.29 2.73 -13.39
CA TRP B 126 -18.44 1.96 -12.82
C TRP B 126 -18.83 2.53 -11.46
N LEU B 127 -17.84 2.68 -10.58
CA LEU B 127 -18.03 2.97 -9.13
C LEU B 127 -18.43 4.44 -8.98
N ALA B 128 -17.79 5.36 -9.71
CA ALA B 128 -18.17 6.79 -9.71
C ALA B 128 -19.67 6.92 -10.00
N LYS B 129 -20.13 6.24 -11.05
CA LYS B 129 -21.56 6.22 -11.49
C LYS B 129 -22.43 5.68 -10.35
N MET B 130 -22.06 4.54 -9.77
CA MET B 130 -22.78 3.86 -8.65
C MET B 130 -22.91 4.79 -7.43
N LEU B 131 -21.89 5.61 -7.14
CA LEU B 131 -21.90 6.55 -5.98
C LEU B 131 -22.61 7.86 -6.34
N GLY B 132 -22.94 8.09 -7.61
CA GLY B 132 -23.60 9.33 -8.04
C GLY B 132 -22.63 10.49 -8.06
N LEU B 133 -21.34 10.22 -8.30
CA LEU B 133 -20.27 11.25 -8.37
C LEU B 133 -20.41 11.97 -9.71
N PRO B 134 -19.99 13.26 -9.78
CA PRO B 134 -19.96 13.98 -11.05
C PRO B 134 -19.25 13.20 -12.17
N GLU B 135 -19.66 13.45 -13.41
CA GLU B 135 -19.09 12.84 -14.64
C GLU B 135 -17.65 13.33 -14.84
N HIS B 136 -17.27 14.47 -14.27
CA HIS B 136 -15.90 15.03 -14.41
C HIS B 136 -14.90 14.19 -13.59
N PHE B 137 -15.36 13.12 -12.92
CA PHE B 137 -14.51 12.13 -12.22
C PHE B 137 -14.33 10.86 -13.07
N LEU B 138 -14.94 10.80 -14.26
CA LEU B 138 -14.86 9.58 -15.12
C LEU B 138 -13.66 9.70 -16.05
N HIS B 139 -12.94 8.60 -16.26
CA HIS B 139 -11.86 8.47 -17.26
C HIS B 139 -12.41 8.72 -18.67
N HIS B 140 -13.60 8.21 -18.98
CA HIS B 140 -14.11 8.02 -20.37
C HIS B 140 -15.22 9.01 -20.73
N HIS B 141 -15.63 9.90 -19.83
CA HIS B 141 -16.56 11.01 -20.18
C HIS B 141 -15.82 12.01 -21.05
N PRO B 142 -16.37 12.40 -22.22
CA PRO B 142 -15.61 13.13 -23.23
C PRO B 142 -14.99 14.43 -22.69
N SER B 143 -15.70 15.13 -21.79
CA SER B 143 -15.31 16.44 -21.21
C SER B 143 -14.72 16.28 -19.80
N SER B 144 -14.08 15.15 -19.50
CA SER B 144 -13.38 14.87 -18.21
C SER B 144 -11.89 15.18 -18.36
N GLN B 145 -11.29 15.81 -17.35
CA GLN B 145 -9.81 15.93 -17.20
C GLN B 145 -9.38 15.10 -15.98
N GLY B 146 -10.28 14.26 -15.47
CA GLY B 146 -10.11 13.55 -14.18
C GLY B 146 -10.25 12.05 -14.35
N GLY B 147 -10.35 11.34 -13.23
CA GLY B 147 -10.47 9.87 -13.22
C GLY B 147 -10.31 9.29 -11.82
N GLY B 148 -10.61 8.00 -11.67
CA GLY B 148 -10.44 7.26 -10.40
C GLY B 148 -9.22 6.36 -10.43
N VAL B 149 -8.51 6.27 -9.31
CA VAL B 149 -7.38 5.32 -9.11
C VAL B 149 -7.61 4.62 -7.75
N LEU B 150 -7.29 3.33 -7.69
CA LEU B 150 -7.32 2.59 -6.40
C LEU B 150 -6.05 2.98 -5.62
N GLN B 151 -6.20 3.15 -4.32
CA GLN B 151 -5.09 3.35 -3.36
C GLN B 151 -5.30 2.31 -2.26
N SER B 152 -4.38 2.23 -1.31
CA SER B 152 -4.40 1.22 -0.22
C SER B 152 -5.25 1.72 0.95
N THR B 153 -5.28 3.03 1.21
CA THR B 153 -5.99 3.61 2.38
C THR B 153 -6.55 4.98 2.03
N VAL B 154 -7.59 5.38 2.76
CA VAL B 154 -8.10 6.78 2.76
C VAL B 154 -7.00 7.68 3.31
N SER B 155 -6.30 7.26 4.38
CA SER B 155 -5.14 7.98 4.97
C SER B 155 -4.20 8.50 3.87
N GLU B 156 -3.72 7.62 2.98
CA GLU B 156 -2.73 7.97 1.93
CA GLU B 156 -2.71 7.99 1.96
C GLU B 156 -3.40 8.81 0.86
N SER B 157 -4.67 8.52 0.55
CA SER B 157 -5.48 9.29 -0.43
C SER B 157 -5.58 10.74 0.04
N THR B 158 -5.80 10.98 1.33
CA THR B 158 -5.90 12.33 1.92
C THR B 158 -4.53 13.01 1.86
N LEU B 159 -3.45 12.30 2.21
CA LEU B 159 -2.05 12.80 2.07
C LEU B 159 -1.84 13.25 0.62
N ILE B 160 -2.14 12.38 -0.34
CA ILE B 160 -1.94 12.67 -1.80
C ILE B 160 -2.66 13.98 -2.14
N ALA B 161 -3.91 14.13 -1.71
CA ALA B 161 -4.78 15.27 -2.04
C ALA B 161 -4.09 16.55 -1.58
N LEU B 162 -3.57 16.53 -0.34
CA LEU B 162 -2.86 17.67 0.32
C LEU B 162 -1.55 17.96 -0.43
N LEU B 163 -0.78 16.91 -0.78
CA LEU B 163 0.47 17.03 -1.57
C LEU B 163 0.17 17.69 -2.92
N ALA B 164 -0.91 17.27 -3.58
CA ALA B 164 -1.31 17.78 -4.90
C ALA B 164 -1.73 19.24 -4.78
N ALA B 165 -2.51 19.56 -3.74
CA ALA B 165 -2.99 20.93 -3.43
C ALA B 165 -1.79 21.85 -3.14
N ARG B 166 -0.87 21.42 -2.27
CA ARG B 166 0.26 22.28 -1.84
C ARG B 166 1.19 22.50 -3.05
N LYS B 167 1.45 21.45 -3.83
CA LYS B 167 2.33 21.52 -5.04
C LYS B 167 1.74 22.52 -6.05
N ASN B 168 0.45 22.42 -6.37
CA ASN B 168 -0.24 23.35 -7.31
C ASN B 168 -0.13 24.80 -6.82
N LYS B 169 -0.41 25.07 -5.54
CA LYS B 169 -0.40 26.46 -5.02
C LYS B 169 1.03 26.98 -5.01
N ILE B 170 2.01 26.16 -4.66
CA ILE B 170 3.45 26.57 -4.67
C ILE B 170 3.86 26.93 -6.10
N LEU B 171 3.44 26.15 -7.11
CA LEU B 171 3.82 26.38 -8.55
C LEU B 171 3.24 27.72 -9.02
N GLU B 172 2.10 28.10 -8.46
CA GLU B 172 1.34 29.34 -8.76
C GLU B 172 2.02 30.53 -8.07
N MET B 173 2.29 30.43 -6.76
CA MET B 173 3.00 31.47 -5.96
C MET B 173 4.38 31.75 -6.58
N LYS B 174 5.00 30.73 -7.20
CA LYS B 174 6.32 30.84 -7.88
C LYS B 174 6.27 31.92 -8.97
N THR B 175 5.14 32.05 -9.68
CA THR B 175 4.95 32.95 -10.85
C THR B 175 5.38 34.38 -10.49
N SER B 176 5.04 34.86 -9.29
CA SER B 176 5.35 36.25 -8.82
C SER B 176 6.52 36.23 -7.82
N GLU B 177 7.09 35.05 -7.52
CA GLU B 177 8.34 34.91 -6.73
C GLU B 177 9.21 33.82 -7.35
N PRO B 178 9.97 34.12 -8.43
CA PRO B 178 10.71 33.07 -9.14
C PRO B 178 11.86 32.52 -8.29
N ASP B 179 12.38 33.34 -7.36
CA ASP B 179 13.58 33.05 -6.55
C ASP B 179 13.23 32.22 -5.30
N ALA B 180 11.93 32.13 -4.95
CA ALA B 180 11.45 31.49 -3.71
C ALA B 180 11.69 29.98 -3.78
N ASP B 181 12.36 29.43 -2.76
CA ASP B 181 12.48 27.98 -2.51
C ASP B 181 11.06 27.45 -2.26
N GLU B 182 10.71 26.31 -2.87
CA GLU B 182 9.38 25.65 -2.74
C GLU B 182 9.02 25.45 -1.26
N SER B 183 10.00 25.06 -0.45
CA SER B 183 9.86 24.76 0.99
C SER B 183 9.53 26.04 1.77
N SER B 184 10.15 27.19 1.41
CA SER B 184 9.87 28.52 2.00
C SER B 184 8.43 28.94 1.70
N LEU B 185 8.00 28.81 0.44
CA LEU B 185 6.61 29.13 0.00
C LEU B 185 5.61 28.27 0.77
N ASN B 186 5.89 26.96 0.89
CA ASN B 186 5.08 25.97 1.65
C ASN B 186 4.81 26.48 3.08
N ALA B 187 5.79 27.18 3.69
CA ALA B 187 5.73 27.71 5.07
C ALA B 187 4.51 28.63 5.25
N ARG B 188 4.09 29.32 4.19
CA ARG B 188 2.98 30.32 4.23
C ARG B 188 1.63 29.60 4.18
N LEU B 189 1.59 28.33 3.76
CA LEU B 189 0.32 27.63 3.44
C LEU B 189 -0.41 27.28 4.73
N VAL B 190 -1.73 27.26 4.70
CA VAL B 190 -2.55 26.71 5.82
C VAL B 190 -3.68 25.87 5.23
N ALA B 191 -3.95 24.72 5.84
CA ALA B 191 -4.99 23.74 5.45
C ALA B 191 -5.98 23.60 6.59
N TYR B 192 -7.20 23.16 6.27
CA TYR B 192 -8.34 23.11 7.23
C TYR B 192 -9.02 21.73 7.17
N ALA B 193 -9.55 21.34 8.32
CA ALA B 193 -10.52 20.24 8.46
C ALA B 193 -11.36 20.52 9.70
N SER B 194 -12.43 19.73 9.86
CA SER B 194 -13.25 19.64 11.09
C SER B 194 -12.37 19.19 12.26
N ASP B 195 -12.63 19.69 13.46
CA ASP B 195 -12.07 19.11 14.71
C ASP B 195 -12.64 17.69 14.93
N GLN B 196 -13.59 17.22 14.11
CA GLN B 196 -14.05 15.80 14.12
C GLN B 196 -13.28 14.98 13.08
N ALA B 197 -12.28 15.57 12.40
CA ALA B 197 -11.59 14.95 11.24
C ALA B 197 -10.81 13.74 11.72
N HIS B 198 -10.68 12.72 10.87
CA HIS B 198 -9.84 11.52 11.11
C HIS B 198 -8.39 11.95 11.37
N SER B 199 -7.65 11.20 12.21
CA SER B 199 -6.25 11.53 12.58
C SER B 199 -5.34 11.56 11.34
N SER B 200 -5.75 10.92 10.23
CA SER B 200 -5.06 10.95 8.91
C SER B 200 -4.84 12.39 8.40
N VAL B 201 -5.72 13.32 8.74
CA VAL B 201 -5.58 14.73 8.28
C VAL B 201 -4.40 15.38 9.03
N GLU B 202 -4.41 15.26 10.35
CA GLU B 202 -3.29 15.74 11.22
C GLU B 202 -2.00 15.10 10.73
N LYS B 203 -2.02 13.80 10.47
CA LYS B 203 -0.84 13.01 10.03
C LYS B 203 -0.33 13.56 8.69
N ALA B 204 -1.23 13.89 7.75
CA ALA B 204 -0.84 14.41 6.41
C ALA B 204 -0.10 15.75 6.58
N GLY B 205 -0.61 16.61 7.46
CA GLY B 205 0.03 17.87 7.85
C GLY B 205 1.43 17.63 8.41
N LEU B 206 1.59 16.65 9.29
CA LEU B 206 2.90 16.40 9.95
C LEU B 206 3.91 15.91 8.90
N ILE B 207 3.48 15.05 7.98
CA ILE B 207 4.35 14.48 6.92
C ILE B 207 4.77 15.59 5.95
N SER B 208 3.85 16.48 5.58
CA SER B 208 4.03 17.49 4.49
C SER B 208 4.61 18.81 5.03
N LEU B 209 4.72 18.96 6.36
CA LEU B 209 5.08 20.22 7.06
C LEU B 209 4.10 21.33 6.65
N VAL B 210 2.82 20.99 6.42
CA VAL B 210 1.76 22.00 6.12
C VAL B 210 1.01 22.25 7.43
N LYS B 211 0.94 23.52 7.82
CA LYS B 211 0.11 24.03 8.95
C LYS B 211 -1.34 23.55 8.74
N MET B 212 -1.86 22.84 9.74
CA MET B 212 -3.25 22.32 9.77
C MET B 212 -3.99 23.09 10.87
N LYS B 213 -5.16 23.64 10.55
CA LYS B 213 -6.08 24.26 11.53
C LYS B 213 -7.40 23.47 11.53
N PHE B 214 -7.78 22.97 12.71
CA PHE B 214 -9.01 22.17 12.94
C PHE B 214 -10.10 23.13 13.41
N LEU B 215 -11.23 23.15 12.70
CA LEU B 215 -12.26 24.21 12.88
C LEU B 215 -13.39 23.68 13.74
N PRO B 216 -14.06 24.56 14.53
CA PRO B 216 -15.17 24.16 15.38
C PRO B 216 -16.39 23.73 14.54
N VAL B 217 -17.28 22.94 15.14
CA VAL B 217 -18.47 22.34 14.46
C VAL B 217 -19.74 22.82 15.16
N ASP B 218 -20.89 22.57 14.55
CA ASP B 218 -22.22 22.95 15.10
C ASP B 218 -22.65 21.81 16.02
N ASP B 219 -23.90 21.86 16.51
CA ASP B 219 -24.47 20.90 17.49
C ASP B 219 -24.70 19.52 16.86
N ASN B 220 -24.66 19.38 15.53
CA ASN B 220 -24.67 18.05 14.86
C ASN B 220 -23.26 17.57 14.54
N PHE B 221 -22.24 18.29 15.03
CA PHE B 221 -20.79 17.98 14.86
C PHE B 221 -20.41 18.07 13.38
N SER B 222 -21.14 18.89 12.63
CA SER B 222 -20.94 19.21 11.20
C SER B 222 -20.08 20.49 11.09
N LEU B 223 -19.10 20.52 10.19
CA LEU B 223 -18.37 21.76 9.84
C LEU B 223 -19.24 22.58 8.90
N ARG B 224 -19.42 23.88 9.21
CA ARG B 224 -20.32 24.83 8.52
C ARG B 224 -19.51 25.87 7.76
N GLY B 225 -20.06 26.39 6.67
CA GLY B 225 -19.43 27.44 5.83
C GLY B 225 -18.90 28.61 6.66
N GLU B 226 -19.70 29.12 7.60
CA GLU B 226 -19.37 30.31 8.43
C GLU B 226 -18.01 30.11 9.14
N ALA B 227 -17.74 28.94 9.69
CA ALA B 227 -16.48 28.65 10.42
C ALA B 227 -15.27 28.73 9.47
N LEU B 228 -15.39 28.16 8.26
CA LEU B 228 -14.30 28.14 7.24
C LEU B 228 -14.00 29.57 6.76
N GLN B 229 -15.04 30.32 6.40
CA GLN B 229 -14.93 31.71 5.88
C GLN B 229 -14.20 32.58 6.90
N LYS B 230 -14.57 32.42 8.17
CA LYS B 230 -14.03 33.20 9.31
C LYS B 230 -12.54 32.87 9.44
N ALA B 231 -12.18 31.58 9.37
CA ALA B 231 -10.79 31.09 9.49
C ALA B 231 -9.94 31.66 8.35
N ILE B 232 -10.44 31.52 7.11
CA ILE B 232 -9.75 31.97 5.87
C ILE B 232 -9.42 33.46 6.01
N GLU B 233 -10.39 34.28 6.43
CA GLU B 233 -10.24 35.76 6.51
C GLU B 233 -9.17 36.11 7.56
N GLU B 234 -9.22 35.48 8.74
CA GLU B 234 -8.27 35.73 9.85
C GLU B 234 -6.86 35.26 9.43
N ASP B 235 -6.77 34.16 8.69
CA ASP B 235 -5.47 33.57 8.28
C ASP B 235 -4.87 34.41 7.15
N LYS B 236 -5.70 34.82 6.17
CA LYS B 236 -5.28 35.69 5.03
C LYS B 236 -4.75 37.02 5.57
N GLN B 237 -5.44 37.60 6.56
CA GLN B 237 -5.04 38.87 7.23
C GLN B 237 -3.63 38.72 7.85
N ARG B 238 -3.27 37.53 8.35
CA ARG B 238 -1.97 37.25 9.03
C ARG B 238 -0.89 36.80 8.03
N GLY B 239 -1.14 36.87 6.72
CA GLY B 239 -0.14 36.55 5.67
C GLY B 239 -0.15 35.09 5.27
N LEU B 240 -1.06 34.28 5.84
CA LEU B 240 -1.17 32.84 5.52
C LEU B 240 -1.98 32.66 4.22
N VAL B 241 -1.64 31.63 3.45
CA VAL B 241 -2.27 31.30 2.13
C VAL B 241 -3.09 30.03 2.32
N PRO B 242 -4.43 30.13 2.53
CA PRO B 242 -5.29 28.96 2.54
C PRO B 242 -5.09 28.12 1.26
N VAL B 243 -5.01 26.79 1.39
CA VAL B 243 -4.63 25.92 0.24
C VAL B 243 -5.58 24.72 0.14
N PHE B 244 -6.11 24.23 1.26
CA PHE B 244 -6.75 22.89 1.33
C PHE B 244 -7.84 22.84 2.39
N VAL B 245 -8.95 22.16 2.07
CA VAL B 245 -10.00 21.74 3.03
C VAL B 245 -10.26 20.24 2.85
N CYS B 246 -10.14 19.47 3.93
CA CYS B 246 -10.74 18.12 4.01
C CYS B 246 -12.12 18.24 4.64
N ALA B 247 -13.16 18.06 3.83
CA ALA B 247 -14.56 17.92 4.27
C ALA B 247 -14.83 16.44 4.50
N THR B 248 -15.33 16.09 5.67
CA THR B 248 -15.57 14.69 6.09
C THR B 248 -17.07 14.40 5.96
N LEU B 249 -17.43 13.37 5.18
CA LEU B 249 -18.79 12.81 5.10
C LEU B 249 -18.78 11.46 5.83
N GLY B 250 -19.26 11.45 7.08
CA GLY B 250 -19.25 10.29 7.99
C GLY B 250 -18.01 10.28 8.88
N THR B 251 -17.99 11.14 9.91
CA THR B 251 -16.84 11.29 10.84
C THR B 251 -16.69 9.98 11.63
N THR B 252 -15.46 9.64 12.04
CA THR B 252 -15.14 8.44 12.84
C THR B 252 -16.03 8.38 14.09
N GLY B 253 -16.00 9.44 14.90
CA GLY B 253 -16.64 9.51 16.23
C GLY B 253 -18.12 9.19 16.18
N VAL B 254 -18.91 10.03 15.49
CA VAL B 254 -20.40 9.99 15.60
C VAL B 254 -21.04 9.90 14.21
N CYS B 255 -20.26 9.67 13.14
CA CYS B 255 -20.73 9.62 11.73
C CYS B 255 -21.55 10.87 11.40
N ALA B 256 -20.94 12.04 11.61
CA ALA B 256 -21.51 13.36 11.25
C ALA B 256 -21.06 13.67 9.83
N PHE B 257 -21.70 14.66 9.20
CA PHE B 257 -21.48 15.08 7.80
C PHE B 257 -21.21 16.58 7.77
N ASP B 258 -20.03 16.96 7.28
CA ASP B 258 -19.67 18.36 7.02
C ASP B 258 -20.60 18.90 5.94
N CSX B 259 -20.90 20.22 6.04
CA CSX B 259 -21.88 20.85 5.18
CB CSX B 259 -22.52 22.07 5.84
SG CSX B 259 -24.06 22.36 4.91
C CSX B 259 -21.23 21.21 3.85
O CSX B 259 -20.74 22.32 3.64
OD CSX B 259 -25.06 21.45 5.56
N LEU B 260 -21.29 20.27 2.92
CA LEU B 260 -20.58 20.37 1.66
C LEU B 260 -21.21 21.45 0.76
N SER B 261 -22.50 21.75 0.90
CA SER B 261 -23.22 22.79 0.10
C SER B 261 -22.70 24.19 0.46
N GLU B 262 -22.22 24.37 1.69
CA GLU B 262 -21.62 25.65 2.16
C GLU B 262 -20.12 25.68 1.85
N LEU B 263 -19.41 24.60 2.18
CA LEU B 263 -17.92 24.54 2.09
C LEU B 263 -17.49 24.65 0.62
N GLY B 264 -18.17 23.96 -0.31
CA GLY B 264 -17.85 23.93 -1.75
C GLY B 264 -17.65 25.33 -2.33
N PRO B 265 -18.72 26.17 -2.39
CA PRO B 265 -18.59 27.51 -2.99
C PRO B 265 -17.47 28.37 -2.37
N ILE B 266 -17.23 28.25 -1.07
CA ILE B 266 -16.16 29.01 -0.35
C ILE B 266 -14.80 28.54 -0.88
N CYS B 267 -14.60 27.23 -1.03
CA CYS B 267 -13.36 26.61 -1.58
C CYS B 267 -13.10 27.07 -3.02
N ALA B 268 -14.11 27.03 -3.88
CA ALA B 268 -14.03 27.43 -5.31
C ALA B 268 -13.66 28.92 -5.40
N ARG B 269 -14.39 29.76 -4.67
CA ARG B 269 -14.19 31.23 -4.60
C ARG B 269 -12.79 31.54 -4.10
N GLU B 270 -12.36 30.92 -2.98
CA GLU B 270 -11.15 31.34 -2.24
C GLU B 270 -9.92 30.59 -2.73
N GLY B 271 -10.09 29.63 -3.66
CA GLY B 271 -9.00 28.86 -4.32
C GLY B 271 -8.40 27.78 -3.44
N LEU B 272 -9.24 27.05 -2.68
CA LEU B 272 -8.79 25.94 -1.80
C LEU B 272 -9.10 24.61 -2.50
N TRP B 273 -8.14 23.69 -2.52
CA TRP B 273 -8.38 22.27 -2.89
C TRP B 273 -9.39 21.68 -1.92
N LEU B 274 -10.53 21.21 -2.44
CA LEU B 274 -11.59 20.58 -1.62
C LEU B 274 -11.49 19.08 -1.76
N HIS B 275 -11.04 18.41 -0.71
CA HIS B 275 -10.92 16.95 -0.61
C HIS B 275 -12.04 16.42 0.28
N ILE B 276 -12.75 15.40 -0.18
CA ILE B 276 -13.85 14.73 0.56
C ILE B 276 -13.33 13.41 1.11
N ASP B 277 -13.30 13.28 2.43
CA ASP B 277 -13.10 12.00 3.15
C ASP B 277 -14.47 11.40 3.43
N ALA B 278 -14.90 10.40 2.63
CA ALA B 278 -16.14 9.62 2.85
C ALA B 278 -15.81 8.15 3.14
N ALA B 279 -14.77 7.91 3.95
CA ALA B 279 -14.16 6.58 4.19
C ALA B 279 -15.24 5.51 4.34
N TYR B 280 -16.15 5.72 5.29
CA TYR B 280 -17.20 4.74 5.66
C TYR B 280 -18.47 5.05 4.85
N ALA B 281 -18.98 6.27 4.99
CA ALA B 281 -20.30 6.70 4.47
C ALA B 281 -20.35 6.52 2.95
N GLY B 282 -19.20 6.64 2.27
CA GLY B 282 -19.10 6.56 0.80
C GLY B 282 -19.95 5.45 0.23
N THR B 283 -19.95 4.27 0.87
CA THR B 283 -20.67 3.05 0.39
C THR B 283 -22.19 3.30 0.38
N ALA B 284 -22.69 4.14 1.29
CA ALA B 284 -24.11 4.53 1.38
C ALA B 284 -24.53 5.25 0.10
N PHE B 285 -23.63 5.99 -0.55
CA PHE B 285 -23.97 6.76 -1.77
C PHE B 285 -24.31 5.81 -2.92
N LEU B 286 -24.20 4.50 -2.73
CA LEU B 286 -24.76 3.47 -3.65
C LEU B 286 -26.28 3.60 -3.67
N CYS B 287 -26.86 4.00 -2.56
CA CYS B 287 -28.33 4.19 -2.37
C CYS B 287 -28.64 5.67 -2.57
N PRO B 288 -29.46 6.03 -3.59
CA PRO B 288 -29.77 7.43 -3.87
C PRO B 288 -30.29 8.27 -2.69
N GLU B 289 -31.02 7.67 -1.74
CA GLU B 289 -31.68 8.42 -0.63
C GLU B 289 -30.64 9.01 0.35
N PHE B 290 -29.39 8.53 0.34
CA PHE B 290 -28.30 9.06 1.20
C PHE B 290 -27.48 10.11 0.45
N ARG B 291 -27.79 10.38 -0.81
CA ARG B 291 -26.97 11.31 -1.65
C ARG B 291 -27.22 12.77 -1.25
N GLY B 292 -28.13 13.01 -0.31
CA GLY B 292 -28.35 14.33 0.29
C GLY B 292 -27.07 14.87 0.88
N PHE B 293 -26.29 14.02 1.56
CA PHE B 293 -24.97 14.34 2.17
C PHE B 293 -23.94 14.71 1.09
N LEU B 294 -24.18 14.32 -0.16
CA LEU B 294 -23.27 14.50 -1.31
C LEU B 294 -23.52 15.87 -1.97
N LYS B 295 -24.49 16.64 -1.50
CA LYS B 295 -24.88 17.95 -2.06
C LYS B 295 -23.68 18.92 -1.98
N GLY B 296 -23.26 19.45 -3.12
CA GLY B 296 -22.07 20.31 -3.26
C GLY B 296 -20.87 19.55 -3.80
N ILE B 297 -21.03 18.26 -4.10
CA ILE B 297 -19.94 17.37 -4.57
C ILE B 297 -19.23 17.99 -5.79
N GLU B 298 -19.97 18.70 -6.65
CA GLU B 298 -19.45 19.33 -7.90
C GLU B 298 -18.29 20.29 -7.58
N TYR B 299 -18.22 20.87 -6.38
CA TYR B 299 -17.14 21.79 -5.98
C TYR B 299 -15.86 21.02 -5.59
N ALA B 300 -15.93 19.70 -5.42
CA ALA B 300 -14.83 18.87 -4.86
C ALA B 300 -13.74 18.69 -5.90
N ASP B 301 -12.48 18.89 -5.51
CA ASP B 301 -11.28 18.65 -6.34
C ASP B 301 -10.91 17.16 -6.24
N SER B 302 -11.21 16.51 -5.12
CA SER B 302 -10.93 15.07 -4.89
C SER B 302 -11.96 14.45 -3.94
N PHE B 303 -12.16 13.14 -4.08
CA PHE B 303 -13.13 12.34 -3.30
C PHE B 303 -12.54 10.95 -3.02
N THR B 304 -12.66 10.47 -1.78
CA THR B 304 -12.13 9.14 -1.39
C THR B 304 -13.13 8.43 -0.47
N PHE B 305 -13.32 7.14 -0.69
CA PHE B 305 -13.99 6.22 0.25
C PHE B 305 -13.30 4.87 0.25
N ASN B 306 -13.67 4.04 1.22
CA ASN B 306 -13.17 2.66 1.37
C ASN B 306 -14.28 1.67 1.04
N PRO B 307 -14.33 1.10 -0.18
CA PRO B 307 -15.08 -0.14 -0.40
C PRO B 307 -14.67 -1.13 0.70
N SER B 308 -13.37 -1.06 1.06
CA SER B 308 -12.67 -1.87 2.08
C SER B 308 -13.40 -1.86 3.43
N LYS B 309 -14.25 -0.87 3.70
CA LYS B 309 -14.96 -0.75 5.00
C LYS B 309 -16.32 -1.45 4.90
N TRP B 310 -17.23 -0.99 4.04
CA TRP B 310 -18.66 -1.41 4.07
C TRP B 310 -19.09 -2.14 2.78
N MET B 311 -18.29 -2.16 1.72
CA MET B 311 -18.76 -2.65 0.38
C MET B 311 -18.34 -4.10 0.13
N MET B 312 -17.80 -4.79 1.13
CA MET B 312 -17.53 -6.26 1.13
C MET B 312 -16.35 -6.64 0.20
N VAL B 313 -15.47 -5.67 -0.10
CA VAL B 313 -14.14 -5.89 -0.73
C VAL B 313 -13.14 -5.91 0.43
N HIS B 314 -12.37 -6.98 0.58
CA HIS B 314 -11.36 -7.08 1.67
C HIS B 314 -10.27 -6.05 1.43
N PHE B 315 -9.60 -5.65 2.50
CA PHE B 315 -8.52 -4.65 2.48
C PHE B 315 -7.32 -5.30 1.80
N ASP B 316 -6.63 -4.58 0.91
CA ASP B 316 -6.72 -3.14 0.71
C ASP B 316 -7.46 -2.81 -0.59
N CYS B 317 -8.29 -1.76 -0.56
CA CYS B 317 -9.07 -1.25 -1.72
C CYS B 317 -9.77 0.07 -1.35
N THR B 318 -9.09 1.20 -1.61
CA THR B 318 -9.59 2.58 -1.43
C THR B 318 -9.79 3.22 -2.81
N GLY B 319 -10.97 3.76 -3.09
CA GLY B 319 -11.20 4.60 -4.29
C GLY B 319 -10.74 6.03 -4.05
N PHE B 320 -10.05 6.62 -5.02
CA PHE B 320 -9.58 8.03 -5.00
C PHE B 320 -9.85 8.68 -6.35
N TRP B 321 -10.67 9.73 -6.37
CA TRP B 321 -11.06 10.42 -7.64
C TRP B 321 -10.56 11.85 -7.60
N VAL B 322 -10.03 12.32 -8.73
CA VAL B 322 -9.59 13.73 -8.90
C VAL B 322 -10.29 14.31 -10.13
N LYS B 323 -10.57 15.62 -10.09
CA LYS B 323 -11.16 16.39 -11.21
C LYS B 323 -10.08 16.68 -12.26
N ASP B 324 -8.84 16.90 -11.82
CA ASP B 324 -7.70 17.28 -12.71
C ASP B 324 -6.53 16.31 -12.48
N LYS B 325 -6.40 15.30 -13.33
CA LYS B 325 -5.33 14.27 -13.25
C LYS B 325 -3.94 14.90 -13.50
N TYR B 326 -3.86 16.04 -14.18
CA TYR B 326 -2.58 16.75 -14.46
C TYR B 326 -2.02 17.35 -13.17
N LYS B 327 -2.87 17.89 -12.29
CA LYS B 327 -2.43 18.47 -10.99
C LYS B 327 -1.91 17.32 -10.10
N LEU B 328 -2.50 16.13 -10.24
CA LEU B 328 -2.03 14.89 -9.56
C LEU B 328 -0.64 14.53 -10.11
N GLN B 329 -0.48 14.44 -11.42
CA GLN B 329 0.77 13.95 -12.06
C GLN B 329 1.92 14.95 -11.85
N GLN B 330 1.61 16.25 -11.76
CA GLN B 330 2.59 17.31 -11.42
C GLN B 330 3.16 17.11 -10.01
N THR B 331 2.41 16.47 -9.12
CA THR B 331 2.84 16.20 -7.73
C THR B 331 3.96 15.16 -7.73
N PHE B 332 3.94 14.25 -8.70
CA PHE B 332 4.62 12.92 -8.65
C PHE B 332 5.64 12.73 -9.78
N SER B 333 5.71 13.65 -10.75
CA SER B 333 6.64 13.61 -11.90
C SER B 333 7.41 14.94 -11.99
N VAL B 334 8.72 14.89 -12.19
CA VAL B 334 9.58 16.11 -12.19
C VAL B 334 9.26 16.91 -13.46
N ASN B 335 9.00 16.23 -14.58
CA ASN B 335 8.45 16.81 -15.83
C ASN B 335 6.97 16.41 -15.96
N VAL B 346 -3.13 6.56 -26.73
CA VAL B 346 -2.31 7.08 -25.59
C VAL B 346 -2.59 6.23 -24.34
N ALA B 347 -1.57 6.05 -23.50
CA ALA B 347 -1.57 5.14 -22.33
C ALA B 347 -1.56 5.97 -21.02
N THR B 348 -2.40 5.57 -20.05
CA THR B 348 -2.41 6.09 -18.65
C THR B 348 -1.43 5.30 -17.80
N ASP B 349 -0.52 5.98 -17.09
CA ASP B 349 0.48 5.35 -16.22
C ASP B 349 0.18 5.75 -14.77
N PHE B 350 -0.34 4.82 -13.98
CA PHE B 350 -0.90 5.08 -12.63
C PHE B 350 0.22 5.39 -11.63
N MET B 351 1.48 5.15 -11.98
CA MET B 351 2.64 5.47 -11.10
C MET B 351 2.62 6.98 -10.81
N HIS B 352 2.07 7.81 -11.71
CA HIS B 352 2.01 9.29 -11.56
C HIS B 352 0.76 9.74 -10.77
N TRP B 353 -0.07 8.80 -10.27
CA TRP B 353 -1.32 9.07 -9.50
C TRP B 353 -1.17 8.65 -8.04
N GLN B 354 0.03 8.34 -7.59
CA GLN B 354 0.25 7.66 -6.29
C GLN B 354 1.65 8.00 -5.79
N ILE B 355 1.95 7.66 -4.53
CA ILE B 355 3.27 7.90 -3.89
C ILE B 355 4.31 6.91 -4.45
N PRO B 356 4.08 5.58 -4.44
CA PRO B 356 5.10 4.64 -4.90
C PRO B 356 5.11 4.44 -6.43
N LEU B 357 6.08 3.68 -6.93
CA LEU B 357 6.16 3.29 -8.36
C LEU B 357 5.26 2.06 -8.59
N SER B 358 5.58 0.93 -7.97
CA SER B 358 4.86 -0.35 -8.13
C SER B 358 3.45 -0.26 -7.58
N ARG B 359 2.54 -1.04 -8.17
CA ARG B 359 1.15 -1.23 -7.68
C ARG B 359 0.70 -2.61 -8.21
N ARG B 360 -0.26 -3.23 -7.53
CA ARG B 360 -0.75 -4.59 -7.90
C ARG B 360 -2.14 -4.49 -8.52
N PHE B 361 -2.66 -5.63 -8.97
CA PHE B 361 -3.91 -5.78 -9.75
C PHE B 361 -5.11 -5.84 -8.77
N ARG B 362 -5.36 -4.76 -8.04
CA ARG B 362 -6.42 -4.70 -6.99
C ARG B 362 -7.82 -4.71 -7.63
N SER B 363 -7.95 -4.37 -8.91
CA SER B 363 -9.26 -4.12 -9.57
C SER B 363 -10.02 -5.43 -9.76
N VAL B 364 -9.32 -6.57 -9.77
CA VAL B 364 -9.93 -7.91 -9.99
C VAL B 364 -10.95 -8.18 -8.87
N LYS B 365 -10.56 -8.03 -7.60
CA LYS B 365 -11.46 -8.30 -6.44
C LYS B 365 -12.64 -7.33 -6.46
N LEU B 366 -12.42 -6.05 -6.77
CA LEU B 366 -13.47 -5.02 -6.92
C LEU B 366 -14.45 -5.44 -8.03
N TRP B 367 -13.92 -5.79 -9.20
CA TRP B 367 -14.70 -6.22 -10.39
C TRP B 367 -15.58 -7.42 -10.01
N PHE B 368 -14.98 -8.39 -9.32
CA PHE B 368 -15.61 -9.67 -8.91
C PHE B 368 -16.77 -9.37 -7.97
N VAL B 369 -16.51 -8.60 -6.90
CA VAL B 369 -17.52 -8.19 -5.89
C VAL B 369 -18.69 -7.52 -6.61
N ILE B 370 -18.45 -6.46 -7.36
CA ILE B 370 -19.51 -5.64 -8.03
C ILE B 370 -20.34 -6.53 -8.97
N ARG B 371 -19.69 -7.50 -9.62
CA ARG B 371 -20.33 -8.40 -10.62
C ARG B 371 -21.12 -9.51 -9.91
N SER B 372 -20.56 -10.10 -8.85
CA SER B 372 -21.11 -11.27 -8.13
C SER B 372 -22.37 -10.87 -7.34
N PHE B 373 -22.42 -9.63 -6.84
CA PHE B 373 -23.56 -9.06 -6.08
C PHE B 373 -24.56 -8.36 -7.02
N GLY B 374 -24.06 -7.53 -7.95
CA GLY B 374 -24.88 -6.55 -8.70
C GLY B 374 -25.18 -5.33 -7.83
N VAL B 375 -25.47 -4.18 -8.45
CA VAL B 375 -25.77 -2.89 -7.74
C VAL B 375 -26.91 -3.12 -6.74
N LYS B 376 -27.94 -3.88 -7.13
CA LYS B 376 -29.19 -4.10 -6.33
C LYS B 376 -28.85 -4.72 -4.97
N ASN B 377 -28.08 -5.80 -4.96
CA ASN B 377 -27.74 -6.55 -3.72
C ASN B 377 -26.84 -5.68 -2.84
N LEU B 378 -25.89 -4.95 -3.42
CA LEU B 378 -25.03 -4.02 -2.64
C LEU B 378 -25.92 -2.96 -1.97
N GLN B 379 -26.92 -2.43 -2.69
CA GLN B 379 -27.89 -1.42 -2.17
C GLN B 379 -28.71 -2.02 -1.01
N ALA B 380 -29.21 -3.25 -1.20
CA ALA B 380 -29.95 -4.01 -0.17
C ALA B 380 -29.04 -4.27 1.03
N HIS B 381 -27.75 -4.49 0.81
CA HIS B 381 -26.75 -4.66 1.90
C HIS B 381 -26.70 -3.38 2.74
N VAL B 382 -26.49 -2.23 2.11
CA VAL B 382 -26.43 -0.91 2.78
C VAL B 382 -27.76 -0.68 3.54
N ARG B 383 -28.88 -0.85 2.84
CA ARG B 383 -30.23 -0.63 3.44
C ARG B 383 -30.41 -1.55 4.65
N HIS B 384 -29.90 -2.79 4.59
CA HIS B 384 -30.08 -3.77 5.70
C HIS B 384 -29.22 -3.37 6.91
N GLY B 385 -27.93 -3.05 6.72
CA GLY B 385 -27.06 -2.55 7.80
C GLY B 385 -27.68 -1.33 8.48
N THR B 386 -28.20 -0.40 7.69
CA THR B 386 -28.88 0.83 8.17
C THR B 386 -30.14 0.44 8.98
N GLU B 387 -30.94 -0.52 8.50
CA GLU B 387 -32.16 -0.98 9.21
C GLU B 387 -31.80 -1.61 10.56
N MET B 388 -30.70 -2.35 10.61
CA MET B 388 -30.23 -3.03 11.85
C MET B 388 -29.77 -1.97 12.85
N ALA B 389 -29.11 -0.91 12.38
CA ALA B 389 -28.67 0.24 13.20
C ALA B 389 -29.91 0.99 13.74
N LYS B 390 -30.92 1.14 12.90
CA LYS B 390 -32.19 1.85 13.22
C LYS B 390 -32.91 1.09 14.33
N TYR B 391 -32.95 -0.24 14.23
CA TYR B 391 -33.55 -1.17 15.23
C TYR B 391 -32.82 -1.02 16.57
N PHE B 392 -31.49 -1.12 16.57
CA PHE B 392 -30.64 -0.95 17.77
C PHE B 392 -30.96 0.40 18.40
N GLU B 393 -31.05 1.45 17.57
CA GLU B 393 -31.37 2.83 18.04
C GLU B 393 -32.68 2.82 18.83
N SER B 394 -33.71 2.16 18.29
CA SER B 394 -35.07 2.11 18.88
C SER B 394 -34.99 1.45 20.27
N LEU B 395 -34.14 0.43 20.42
CA LEU B 395 -33.98 -0.31 21.71
C LEU B 395 -33.33 0.62 22.75
N VAL B 396 -32.26 1.33 22.39
CA VAL B 396 -31.57 2.33 23.27
C VAL B 396 -32.54 3.45 23.65
N ARG B 397 -33.27 3.98 22.67
CA ARG B 397 -34.15 5.18 22.86
C ARG B 397 -35.29 4.84 23.82
N ASN B 398 -35.67 3.56 23.91
CA ASN B 398 -36.79 3.08 24.75
C ASN B 398 -36.34 2.92 26.21
N ASP B 399 -35.03 2.95 26.47
CA ASP B 399 -34.48 2.79 27.85
C ASP B 399 -34.01 4.15 28.35
N PRO B 400 -34.73 4.79 29.30
CA PRO B 400 -34.44 6.17 29.69
C PRO B 400 -33.15 6.36 30.49
N SER B 401 -32.49 5.26 30.89
CA SER B 401 -31.14 5.25 31.51
C SER B 401 -30.09 5.73 30.50
N PHE B 402 -30.36 5.56 29.20
CA PHE B 402 -29.43 5.81 28.08
C PHE B 402 -29.82 7.10 27.37
N GLU B 403 -28.84 7.84 26.85
CA GLU B 403 -29.07 8.96 25.89
C GLU B 403 -28.25 8.68 24.62
N ILE B 404 -28.74 9.25 23.50
CA ILE B 404 -28.16 9.18 22.13
C ILE B 404 -27.76 10.61 21.75
N PRO B 405 -26.50 11.02 22.03
CA PRO B 405 -26.10 12.43 21.91
C PRO B 405 -25.74 12.92 20.49
N ALA B 406 -25.88 12.06 19.48
CA ALA B 406 -25.70 12.44 18.06
C ALA B 406 -26.63 11.55 17.24
N LYS B 407 -27.15 12.08 16.15
CA LYS B 407 -28.20 11.45 15.32
C LYS B 407 -27.56 10.29 14.55
N ARG B 408 -28.32 9.21 14.32
CA ARG B 408 -27.88 8.05 13.52
C ARG B 408 -28.33 8.23 12.07
N HIS B 409 -27.41 8.47 11.14
CA HIS B 409 -27.71 8.66 9.69
C HIS B 409 -27.53 7.32 8.93
N LEU B 410 -26.59 6.45 9.37
CA LEU B 410 -26.29 5.17 8.68
C LEU B 410 -26.18 4.02 9.70
N GLY B 411 -25.01 3.37 9.83
CA GLY B 411 -24.86 2.07 10.50
C GLY B 411 -24.24 2.20 11.87
N LEU B 412 -23.90 3.43 12.28
CA LEU B 412 -23.29 3.73 13.60
C LEU B 412 -24.34 4.39 14.50
N VAL B 413 -24.52 3.82 15.69
CA VAL B 413 -25.31 4.42 16.80
C VAL B 413 -24.32 4.72 17.92
N VAL B 414 -24.31 5.94 18.44
CA VAL B 414 -23.50 6.32 19.64
C VAL B 414 -24.48 6.59 20.78
N PHE B 415 -24.15 6.09 21.97
CA PHE B 415 -25.01 6.22 23.17
C PHE B 415 -24.13 6.14 24.40
N ARG B 416 -24.72 6.46 25.55
CA ARG B 416 -24.05 6.40 26.88
C ARG B 416 -25.14 6.37 27.95
N LEU B 417 -24.78 6.03 29.18
CA LEU B 417 -25.69 6.18 30.35
C LEU B 417 -25.72 7.66 30.73
N LYS B 418 -26.92 8.19 31.01
CA LYS B 418 -27.08 9.54 31.59
C LYS B 418 -26.30 9.58 32.90
N GLY B 419 -25.63 10.71 33.17
CA GLY B 419 -24.82 10.93 34.38
C GLY B 419 -23.34 10.92 34.05
N PRO B 420 -22.45 10.81 35.05
CA PRO B 420 -21.01 10.80 34.81
C PRO B 420 -20.48 9.66 33.93
N ASN B 421 -19.29 9.89 33.36
CA ASN B 421 -18.64 9.05 32.32
C ASN B 421 -18.30 7.68 32.92
N SER B 422 -18.03 7.61 34.23
CA SER B 422 -17.64 6.37 34.95
C SER B 422 -18.71 5.29 34.79
N LEU B 423 -19.99 5.66 34.87
CA LEU B 423 -21.13 4.75 34.62
C LEU B 423 -20.90 4.02 33.28
N THR B 424 -20.69 4.77 32.21
CA THR B 424 -20.50 4.26 30.82
C THR B 424 -19.18 3.49 30.72
N GLU B 425 -18.13 4.03 31.33
CA GLU B 425 -16.79 3.39 31.41
C GLU B 425 -16.93 2.00 32.06
N ASN B 426 -17.72 1.90 33.14
CA ASN B 426 -17.91 0.63 33.91
C ASN B 426 -18.82 -0.33 33.13
N VAL B 427 -19.70 0.17 32.27
CA VAL B 427 -20.52 -0.70 31.37
C VAL B 427 -19.57 -1.36 30.36
N LEU B 428 -18.67 -0.57 29.77
CA LEU B 428 -17.70 -1.04 28.75
C LEU B 428 -16.74 -2.06 29.38
N LYS B 429 -16.20 -1.74 30.56
CA LYS B 429 -15.31 -2.64 31.34
C LYS B 429 -16.04 -3.96 31.63
N GLU B 430 -17.32 -3.91 31.99
CA GLU B 430 -18.14 -5.13 32.29
C GLU B 430 -18.23 -6.00 31.02
N ILE B 431 -18.63 -5.42 29.89
CA ILE B 431 -18.77 -6.11 28.57
C ILE B 431 -17.43 -6.75 28.18
N ALA B 432 -16.32 -6.02 28.33
CA ALA B 432 -14.97 -6.40 27.84
C ALA B 432 -14.41 -7.59 28.64
N LYS B 433 -14.98 -7.89 29.81
CA LYS B 433 -14.60 -9.06 30.65
C LYS B 433 -14.73 -10.35 29.82
N ALA B 434 -15.89 -10.56 29.17
CA ALA B 434 -16.24 -11.80 28.42
C ALA B 434 -15.90 -11.65 26.93
N GLY B 435 -15.69 -10.42 26.44
CA GLY B 435 -15.26 -10.10 25.06
C GLY B 435 -16.21 -10.62 23.99
N ARG B 436 -17.50 -10.75 24.30
CA ARG B 436 -18.53 -11.42 23.46
C ARG B 436 -18.94 -10.48 22.32
N LEU B 437 -18.82 -9.17 22.53
CA LEU B 437 -18.88 -8.13 21.46
C LEU B 437 -17.76 -7.11 21.73
N PHE B 438 -17.06 -6.69 20.67
CA PHE B 438 -15.95 -5.70 20.74
C PHE B 438 -16.52 -4.30 20.52
N LEU B 439 -16.35 -3.44 21.52
CA LEU B 439 -16.75 -2.01 21.53
C LEU B 439 -15.53 -1.17 21.90
N ILE B 440 -15.35 -0.03 21.23
CA ILE B 440 -14.30 0.97 21.61
C ILE B 440 -15.02 2.26 21.97
N PRO B 441 -14.64 2.91 23.09
CA PRO B 441 -15.26 4.18 23.47
C PRO B 441 -14.75 5.29 22.56
N ALA B 442 -15.56 6.32 22.35
CA ALA B 442 -15.12 7.64 21.85
C ALA B 442 -15.48 8.71 22.88
N THR B 443 -15.03 9.92 22.61
CA THR B 443 -15.38 11.14 23.37
C THR B 443 -15.89 12.17 22.37
N ILE B 444 -17.05 12.74 22.66
CA ILE B 444 -17.55 14.04 22.09
C ILE B 444 -17.60 15.04 23.25
N GLN B 445 -16.58 15.90 23.34
CA GLN B 445 -16.47 17.00 24.33
C GLN B 445 -16.30 16.43 25.74
N ASP B 446 -17.37 16.47 26.54
CA ASP B 446 -17.36 16.14 27.99
C ASP B 446 -17.99 14.77 28.23
N LYS B 447 -18.27 14.00 27.17
CA LYS B 447 -19.06 12.76 27.25
C LYS B 447 -18.29 11.59 26.62
N LEU B 448 -17.97 10.60 27.45
CA LEU B 448 -17.64 9.23 27.00
C LEU B 448 -18.89 8.65 26.31
N ILE B 449 -18.71 8.10 25.11
CA ILE B 449 -19.80 7.44 24.35
C ILE B 449 -19.34 6.04 23.97
N ILE B 450 -20.28 5.12 23.87
CA ILE B 450 -20.10 3.79 23.24
C ILE B 450 -20.44 3.95 21.77
N ARG B 451 -19.51 3.64 20.87
CA ARG B 451 -19.78 3.51 19.42
C ARG B 451 -20.29 2.08 19.19
N PHE B 452 -21.42 1.94 18.50
CA PHE B 452 -21.97 0.62 18.08
C PHE B 452 -22.16 0.65 16.56
N THR B 453 -21.18 0.10 15.84
CA THR B 453 -21.15 0.05 14.35
C THR B 453 -21.72 -1.30 13.93
N VAL B 454 -22.78 -1.30 13.13
CA VAL B 454 -23.24 -2.53 12.42
C VAL B 454 -22.16 -2.85 11.36
N THR B 455 -21.62 -4.07 11.40
CA THR B 455 -20.49 -4.49 10.53
C THR B 455 -21.01 -5.56 9.57
N SER B 456 -20.89 -6.84 9.96
CA SER B 456 -21.18 -8.03 9.11
C SER B 456 -22.41 -7.78 8.24
N GLN B 457 -22.34 -8.21 6.98
CA GLN B 457 -23.47 -8.20 6.01
C GLN B 457 -24.51 -9.26 6.40
N PHE B 458 -24.14 -10.21 7.28
CA PHE B 458 -25.00 -11.35 7.73
C PHE B 458 -25.63 -11.05 9.11
N THR B 459 -25.38 -9.85 9.65
CA THR B 459 -26.02 -9.33 10.89
C THR B 459 -27.55 -9.44 10.75
N THR B 460 -28.20 -10.13 11.69
CA THR B 460 -29.69 -10.28 11.80
C THR B 460 -30.19 -9.42 12.96
N ARG B 461 -31.52 -9.34 13.13
CA ARG B 461 -32.20 -8.67 14.26
C ARG B 461 -31.77 -9.34 15.58
N ASP B 462 -31.61 -10.66 15.55
CA ASP B 462 -31.23 -11.49 16.72
C ASP B 462 -29.82 -11.15 17.17
N ASP B 463 -28.88 -10.95 16.23
CA ASP B 463 -27.49 -10.50 16.54
C ASP B 463 -27.56 -9.14 17.26
N ILE B 464 -28.43 -8.22 16.79
CA ILE B 464 -28.62 -6.87 17.37
C ILE B 464 -29.23 -7.01 18.77
N LEU B 465 -30.36 -7.70 18.90
CA LEU B 465 -31.09 -7.87 20.19
C LEU B 465 -30.20 -8.64 21.19
N ARG B 466 -29.51 -9.69 20.74
CA ARG B 466 -28.47 -10.42 21.53
C ARG B 466 -27.52 -9.37 22.10
N ASP B 467 -26.90 -8.56 21.24
CA ASP B 467 -25.84 -7.60 21.62
C ASP B 467 -26.46 -6.50 22.52
N TRP B 468 -27.67 -6.03 22.20
CA TRP B 468 -28.37 -5.00 23.02
C TRP B 468 -28.56 -5.52 24.44
N ASN B 469 -28.96 -6.79 24.58
CA ASN B 469 -29.30 -7.42 25.88
C ASN B 469 -28.05 -7.50 26.76
N LEU B 470 -26.89 -7.85 26.19
CA LEU B 470 -25.60 -7.84 26.94
C LEU B 470 -25.34 -6.42 27.45
N ILE B 471 -25.54 -5.41 26.60
CA ILE B 471 -25.31 -3.97 26.93
C ILE B 471 -26.24 -3.52 28.06
N ARG B 472 -27.54 -3.78 27.95
CA ARG B 472 -28.54 -3.38 28.98
C ARG B 472 -28.27 -4.15 30.28
N ASP B 473 -27.81 -5.40 30.19
CA ASP B 473 -27.48 -6.22 31.39
C ASP B 473 -26.33 -5.53 32.12
N ALA B 474 -25.30 -5.12 31.37
CA ALA B 474 -24.10 -4.44 31.91
C ALA B 474 -24.54 -3.15 32.62
N ALA B 475 -25.57 -2.47 32.09
CA ALA B 475 -26.10 -1.19 32.62
C ALA B 475 -26.93 -1.42 33.89
N THR B 476 -27.78 -2.45 33.91
CA THR B 476 -28.64 -2.81 35.07
C THR B 476 -27.74 -3.11 36.28
N LEU B 477 -26.70 -3.90 36.04
CA LEU B 477 -25.65 -4.27 37.02
C LEU B 477 -25.01 -3.00 37.61
N ILE B 478 -24.53 -2.08 36.77
CA ILE B 478 -23.73 -0.87 37.15
C ILE B 478 -24.63 0.17 37.83
N LEU B 479 -25.92 0.23 37.50
CA LEU B 479 -26.84 1.30 37.99
C LEU B 479 -27.44 0.93 39.35
N SER B 480 -27.25 -0.31 39.83
CA SER B 480 -27.65 -0.72 41.20
C SER B 480 -26.40 -0.89 42.07
N1 PLP C . 15.29 0.74 -6.20
C2 PLP C . 15.75 -0.18 -7.04
C2A PLP C . 17.24 -0.28 -7.24
C3 PLP C . 14.87 -1.03 -7.73
O3 PLP C . 15.38 -1.94 -8.58
C4 PLP C . 13.47 -0.91 -7.53
C4A PLP C . 12.53 -1.84 -8.22
C5 PLP C . 13.02 0.05 -6.60
C6 PLP C . 13.96 0.84 -5.99
C5A PLP C . 11.58 0.37 -6.29
O4P PLP C . 10.60 -0.71 -6.42
P PLP C . 9.18 -0.44 -5.71
O1P PLP C . 9.22 1.01 -5.29
O2P PLP C . 9.13 -1.43 -4.55
O3P PLP C . 8.15 -0.69 -6.74
N1 PLP D . -11.47 8.88 7.67
C2 PLP D . -12.61 8.42 8.19
C2A PLP D . -13.79 9.34 8.28
C3 PLP D . -12.71 7.08 8.62
O3 PLP D . -13.89 6.66 9.12
C4 PLP D . -11.59 6.23 8.52
C4A PLP D . -11.65 4.79 8.94
C5 PLP D . -10.40 6.74 7.96
C6 PLP D . -10.40 8.07 7.57
C5A PLP D . -9.14 5.94 7.83
O4P PLP D . -9.16 4.94 6.75
P PLP D . -7.80 4.17 6.31
O1P PLP D . -6.72 5.22 6.21
O2P PLP D . -8.16 3.53 5.00
O3P PLP D . -7.48 3.18 7.39
#